data_7OJ7
#
_entry.id   7OJ7
#
_cell.length_a   305.520
_cell.length_b   365.550
_cell.length_c   366.480
_cell.angle_alpha   90.000
_cell.angle_beta   90.000
_cell.angle_gamma   90.000
#
_symmetry.space_group_name_H-M   'I 2 2 2'
#
loop_
_entity.id
_entity.type
_entity.pdbx_description
1 polymer 'Capsid protein VP1'
2 polymer 'Capsid protein VP2'
3 polymer 'Capsid protein VP3'
4 polymer 'Capsid protein VP4'
5 non-polymer 'CALCIUM ION'
6 non-polymer 'CHLORIDE ION'
7 non-polymer 'Carbohydrate component from a pentavalent N-acetylneuraminic acid conjugate'
8 water water
#
loop_
_entity_poly.entity_id
_entity_poly.type
_entity_poly.pdbx_seq_one_letter_code
_entity_poly.pdbx_strand_id
1 'polypeptide(L)'
;GIEETIDTVITNALQLSQPKPQKQPTAQSTPLTSGVNSQEVPALTAVETGASGQAVPSDVIETRHVVNYKTRSESTLESF
FGRSACVTILEVENFNATTDADRKKQFTTWAITYTDTVQLRRKLEFFTYSRFDLEMTFVITERYYASNTGHARNQVYQLM
YIPPGAPRPTAWDDYTWQSSSNPSVFYTYGSAPPRMSIPYVGIANAYSHFYDGFARVPLKDETVDSGDTYYGLVTINDFG
TLAVRVVNEYNPARITSKIRVYMKPKHVRCWCPRPPRAVPYRGEGVDFKQDSITPLTAVENINTF
;
111
2 'polypeptide(L)'
;SPNVEACGYSDRVRQITLGNSTITTQEAANAVVAYGEWPSYLDDKEANPIDAPTEPDVSSNRFYTLDSVQWKSTSRGWWW
KLPDALKDMGMFGQNMYYHYLGRSGYTVHVQCNASKFHQGALGVFAIPEYVMACNTEAKTSYVSYVNANPGEKGGVFDNA
YNPSAEASEGRKFAALDYLLGCGVLAGNAFVYPHQIINLRTNNSATLVLPYVNSLAIDCMAKHNNWGLVILPLCKLDYAP
NSSTEIPITVTIAPMFTEFNGLRNITVPATQ
;
222
3 'polypeptide(L)'
;GLPTMLTPGSSQFLTSDDFQSPCALPNFDVTPPIHIPGEVFNMMELAEIDSMIPMNSVTGKANTMEMYPIPLDDKGSATP
IFSISLSPASDKRLQYTMLGEILNYYTHWTGSLRFTFLFCGSMMATGKILLSYSPPGAKPPTTRKDAMLGTHIIWDLGLQ
SSCTMLAPWISNTVYRRCIKDDFTEGGYITCFYQTRIVVPSGTPTSMFMLAFVSACPDFSVRLLRDTNHISQRTLFARAQ
;
333
4 'polypeptide(L)' MGAQVSSQKVGAHENTNVATGGSTVNYTTINYYKDSASNAASKLDFSQDPSKFTEPVKDIMIKTAPALN 444
#
loop_
_chem_comp.id
_chem_comp.type
_chem_comp.name
_chem_comp.formula
0H0 saccharide 'Carbohydrate component from a pentavalent N-acetylneuraminic acid conjugate' 'C15 H27 N O9'
CA non-polymer 'CALCIUM ION' 'Ca 2'
CL non-polymer 'CHLORIDE ION' 'Cl -1'
#
# COMPACT_ATOMS: atom_id res chain seq x y z
N PRO A 25 -1.55 -19.67 18.31
CA PRO A 25 -2.70 -19.23 17.46
C PRO A 25 -2.54 -19.69 16.00
N THR A 26 -3.57 -20.33 15.46
CA THR A 26 -3.56 -21.01 14.15
C THR A 26 -4.51 -20.30 13.20
N ALA A 27 -4.35 -20.53 11.90
CA ALA A 27 -5.33 -20.17 10.87
C ALA A 27 -6.61 -20.98 11.13
N GLN A 28 -7.72 -20.59 10.50
CA GLN A 28 -9.07 -21.09 10.86
C GLN A 28 -9.20 -22.57 10.47
N SER A 29 -9.73 -23.37 11.40
CA SER A 29 -10.23 -24.75 11.16
C SER A 29 -11.54 -24.68 10.38
N THR A 30 -11.90 -25.75 9.69
CA THR A 30 -13.18 -25.84 8.96
C THR A 30 -14.14 -26.69 9.77
N PRO A 31 -15.36 -26.21 10.08
CA PRO A 31 -16.34 -27.01 10.81
C PRO A 31 -17.06 -27.99 9.86
N LEU A 32 -17.53 -29.10 10.42
CA LEU A 32 -18.45 -30.06 9.75
C LEU A 32 -19.76 -29.32 9.49
N THR A 33 -20.19 -29.20 8.24
CA THR A 33 -21.51 -28.61 7.89
C THR A 33 -22.12 -29.43 6.75
N SER A 34 -23.45 -29.54 6.75
CA SER A 34 -24.21 -30.15 5.65
C SER A 34 -24.85 -29.00 4.85
N GLY A 35 -25.96 -29.27 4.17
CA GLY A 35 -26.61 -28.30 3.28
C GLY A 35 -27.56 -27.41 4.05
N VAL A 36 -28.22 -26.51 3.33
CA VAL A 36 -29.22 -25.58 3.91
C VAL A 36 -30.32 -25.42 2.87
N ASN A 37 -31.49 -25.00 3.35
CA ASN A 37 -32.60 -24.50 2.51
C ASN A 37 -33.28 -23.45 3.38
N SER A 38 -32.90 -22.18 3.20
CA SER A 38 -32.99 -21.17 4.28
C SER A 38 -33.16 -19.76 3.71
N GLN A 39 -33.79 -18.91 4.51
CA GLN A 39 -33.84 -17.44 4.28
C GLN A 39 -32.51 -16.80 4.69
N GLU A 40 -31.60 -17.53 5.33
CA GLU A 40 -30.20 -17.08 5.59
C GLU A 40 -29.40 -17.22 4.31
N VAL A 41 -28.87 -16.11 3.78
CA VAL A 41 -28.18 -16.08 2.46
C VAL A 41 -26.81 -15.44 2.63
N PRO A 42 -25.85 -16.16 3.24
CA PRO A 42 -24.48 -15.65 3.39
C PRO A 42 -23.72 -15.51 2.07
N ALA A 43 -24.19 -16.13 0.98
CA ALA A 43 -23.52 -16.04 -0.34
C ALA A 43 -23.70 -14.66 -0.98
N LEU A 44 -24.74 -13.90 -0.62
CA LEU A 44 -25.02 -12.57 -1.21
C LEU A 44 -24.53 -11.50 -0.24
N THR A 45 -24.08 -10.37 -0.78
CA THR A 45 -23.67 -9.20 0.02
C THR A 45 -23.80 -7.97 -0.88
N ALA A 46 -23.21 -6.86 -0.45
CA ALA A 46 -23.19 -5.60 -1.20
C ALA A 46 -21.84 -4.93 -0.90
N VAL A 47 -20.87 -5.09 -1.80
CA VAL A 47 -19.51 -4.53 -1.59
C VAL A 47 -19.53 -3.01 -1.77
N GLU A 48 -20.65 -2.41 -2.20
CA GLU A 48 -20.81 -0.93 -2.20
C GLU A 48 -20.56 -0.39 -0.79
N THR A 49 -20.86 -1.18 0.24
CA THR A 49 -20.71 -0.80 1.67
C THR A 49 -19.26 -0.47 2.02
N GLY A 50 -18.29 -0.96 1.24
CA GLY A 50 -16.85 -0.85 1.56
C GLY A 50 -16.34 -2.08 2.29
N ALA A 51 -17.23 -3.01 2.63
CA ALA A 51 -16.87 -4.33 3.19
C ALA A 51 -16.44 -5.23 2.03
N SER A 52 -15.35 -5.98 2.22
CA SER A 52 -14.95 -7.10 1.34
C SER A 52 -15.97 -8.23 1.49
N GLY A 53 -16.03 -9.16 0.53
CA GLY A 53 -16.72 -10.44 0.74
C GLY A 53 -16.24 -11.08 2.04
N GLN A 54 -17.17 -11.69 2.78
CA GLN A 54 -16.89 -12.31 4.11
C GLN A 54 -17.16 -13.82 4.08
N ALA A 55 -17.95 -14.34 3.13
CA ALA A 55 -18.38 -15.76 3.14
C ALA A 55 -17.15 -16.67 3.11
N VAL A 56 -17.26 -17.80 3.80
CA VAL A 56 -16.22 -18.87 3.85
C VAL A 56 -16.84 -20.14 3.29
N PRO A 57 -16.05 -21.19 2.97
CA PRO A 57 -16.59 -22.38 2.31
C PRO A 57 -17.81 -23.00 3.01
N SER A 58 -17.81 -23.07 4.33
CA SER A 58 -18.93 -23.69 5.12
C SER A 58 -20.24 -22.92 4.87
N ASP A 59 -20.19 -21.69 4.37
CA ASP A 59 -21.40 -20.90 4.02
C ASP A 59 -22.03 -21.35 2.69
N VAL A 60 -21.28 -21.99 1.78
CA VAL A 60 -21.74 -22.23 0.38
C VAL A 60 -21.52 -23.67 -0.09
N ILE A 61 -20.87 -24.53 0.69
CA ILE A 61 -20.72 -25.98 0.34
C ILE A 61 -20.89 -26.80 1.61
N GLU A 62 -21.11 -28.11 1.45
CA GLU A 62 -20.99 -29.09 2.55
C GLU A 62 -19.49 -29.27 2.81
N THR A 63 -19.09 -29.16 4.07
CA THR A 63 -17.68 -29.24 4.52
C THR A 63 -17.53 -30.38 5.52
N ARG A 64 -16.38 -31.02 5.51
CA ARG A 64 -15.96 -31.91 6.62
C ARG A 64 -15.31 -31.03 7.70
N HIS A 65 -15.12 -31.59 8.89
CA HIS A 65 -14.25 -31.00 9.93
C HIS A 65 -12.80 -31.22 9.51
N VAL A 66 -12.02 -30.14 9.45
CA VAL A 66 -10.55 -30.19 9.26
C VAL A 66 -9.94 -29.34 10.37
N VAL A 67 -9.13 -29.96 11.23
CA VAL A 67 -8.37 -29.21 12.25
C VAL A 67 -7.18 -28.56 11.55
N ASN A 68 -7.08 -27.24 11.65
CA ASN A 68 -5.97 -26.45 11.04
C ASN A 68 -4.93 -26.18 12.14
N TYR A 69 -3.77 -26.82 12.04
CA TYR A 69 -2.62 -26.64 12.96
C TYR A 69 -1.64 -25.59 12.40
N LYS A 70 -1.91 -25.06 11.20
CA LYS A 70 -0.97 -24.16 10.49
C LYS A 70 -1.10 -22.75 11.07
N THR A 71 -0.01 -22.00 11.08
CA THR A 71 0.04 -20.63 11.67
C THR A 71 0.50 -19.63 10.61
N ARG A 72 0.22 -18.36 10.87
CA ARG A 72 0.65 -17.22 10.03
C ARG A 72 1.96 -16.62 10.58
N SER A 73 2.83 -17.46 11.14
CA SER A 73 4.10 -17.05 11.79
C SER A 73 4.96 -16.26 10.80
N GLU A 74 5.03 -16.69 9.54
CA GLU A 74 6.06 -16.14 8.60
C GLU A 74 5.54 -14.89 7.88
N SER A 75 4.29 -14.48 8.11
CA SER A 75 3.70 -13.26 7.51
C SER A 75 3.43 -12.19 8.60
N THR A 76 3.89 -12.37 9.84
CA THR A 76 3.95 -11.26 10.82
C THR A 76 4.88 -10.20 10.22
N LEU A 77 4.73 -8.93 10.59
CA LEU A 77 5.62 -7.87 10.05
C LEU A 77 7.07 -8.18 10.39
N GLU A 78 7.35 -8.67 11.60
CA GLU A 78 8.73 -8.98 12.01
C GLU A 78 9.31 -10.04 11.06
N SER A 79 8.53 -11.06 10.71
CA SER A 79 8.98 -12.16 9.80
C SER A 79 9.15 -11.63 8.38
N PHE A 80 8.21 -10.81 7.90
CA PHE A 80 8.23 -10.26 6.52
C PHE A 80 9.46 -9.38 6.34
N PHE A 81 9.82 -8.59 7.35
CA PHE A 81 10.94 -7.61 7.30
C PHE A 81 12.24 -8.19 7.90
N GLY A 82 12.23 -9.41 8.42
CA GLY A 82 13.35 -9.99 9.20
C GLY A 82 14.50 -10.48 8.33
N ARG A 83 15.01 -9.61 7.46
CA ARG A 83 16.09 -9.94 6.50
C ARG A 83 16.98 -8.70 6.34
N SER A 84 18.29 -8.92 6.28
CA SER A 84 19.27 -7.87 5.89
CA SER A 84 19.27 -7.87 5.89
C SER A 84 19.23 -7.73 4.36
N ALA A 85 18.84 -6.56 3.87
CA ALA A 85 18.71 -6.25 2.42
C ALA A 85 19.81 -5.27 2.02
N CYS A 86 20.45 -5.48 0.87
CA CYS A 86 21.43 -4.51 0.34
C CYS A 86 20.67 -3.25 -0.10
N VAL A 87 21.10 -2.09 0.40
CA VAL A 87 20.44 -0.79 0.07
C VAL A 87 21.36 0.11 -0.76
N THR A 88 22.67 -0.12 -0.79
CA THR A 88 23.57 0.65 -1.69
C THR A 88 24.92 -0.05 -1.83
N ILE A 89 25.67 0.35 -2.85
CA ILE A 89 27.07 -0.05 -3.10
C ILE A 89 27.89 1.24 -3.17
N LEU A 90 28.84 1.41 -2.27
CA LEU A 90 29.76 2.56 -2.24
C LEU A 90 31.12 2.10 -2.77
N GLU A 91 31.90 3.04 -3.27
CA GLU A 91 33.26 2.79 -3.83
C GLU A 91 34.23 3.71 -3.10
N VAL A 92 35.38 3.16 -2.71
CA VAL A 92 36.53 3.96 -2.20
CA VAL A 92 36.54 3.96 -2.18
C VAL A 92 37.80 3.32 -2.74
N GLU A 93 38.87 4.10 -2.84
CA GLU A 93 40.16 3.63 -3.36
C GLU A 93 41.28 4.12 -2.45
N ASN A 94 42.43 3.49 -2.59
CA ASN A 94 43.66 3.87 -1.86
C ASN A 94 44.80 3.87 -2.87
N PHE A 95 45.26 5.06 -3.25
CA PHE A 95 46.43 5.23 -4.14
C PHE A 95 46.95 6.67 -4.01
N ASN A 96 48.15 6.89 -4.54
CA ASN A 96 48.81 8.21 -4.53
C ASN A 96 48.05 9.13 -5.48
N ALA A 97 47.20 10.01 -4.94
CA ALA A 97 46.32 10.91 -5.71
C ALA A 97 47.05 12.24 -5.93
N THR A 98 47.21 12.65 -7.20
CA THR A 98 47.95 13.88 -7.63
C THR A 98 46.99 14.92 -8.22
N THR A 99 45.72 14.57 -8.49
CA THR A 99 44.66 15.46 -9.04
C THR A 99 43.49 15.55 -8.05
N ASP A 100 42.66 16.58 -8.17
CA ASP A 100 41.44 16.80 -7.33
CA ASP A 100 41.47 16.78 -7.29
C ASP A 100 40.51 15.60 -7.48
N ALA A 101 40.29 15.13 -8.73
CA ALA A 101 39.40 13.99 -9.03
C ALA A 101 39.91 12.73 -8.30
N ASP A 102 41.23 12.49 -8.32
CA ASP A 102 41.83 11.28 -7.68
C ASP A 102 41.82 11.43 -6.16
N ARG A 103 41.99 12.64 -5.62
CA ARG A 103 41.88 12.90 -4.16
C ARG A 103 40.46 12.55 -3.68
N LYS A 104 39.43 12.85 -4.49
CA LYS A 104 38.02 12.57 -4.15
C LYS A 104 37.73 11.07 -4.20
N LYS A 105 38.59 10.25 -4.80
CA LYS A 105 38.40 8.77 -4.82
C LYS A 105 38.91 8.12 -3.53
N GLN A 106 39.64 8.86 -2.67
CA GLN A 106 40.26 8.32 -1.44
C GLN A 106 39.22 8.19 -0.30
N PHE A 107 38.03 8.77 -0.47
CA PHE A 107 36.92 8.67 0.49
C PHE A 107 35.62 8.84 -0.29
N THR A 108 34.49 8.52 0.33
CA THR A 108 33.17 8.68 -0.31
C THR A 108 32.18 9.10 0.78
N THR A 109 31.16 9.85 0.38
CA THR A 109 30.04 10.24 1.25
C THR A 109 28.75 9.80 0.55
N TRP A 110 27.78 9.36 1.34
CA TRP A 110 26.49 8.82 0.86
C TRP A 110 25.38 9.33 1.77
N ALA A 111 24.39 10.02 1.20
CA ALA A 111 23.15 10.41 1.92
C ALA A 111 22.39 9.11 2.22
N ILE A 112 22.19 8.81 3.51
CA ILE A 112 21.61 7.53 3.97
C ILE A 112 20.15 7.48 3.53
N THR A 113 19.76 6.39 2.89
CA THR A 113 18.40 6.19 2.30
C THR A 113 18.24 4.70 1.96
N TYR A 114 17.01 4.29 1.68
CA TYR A 114 16.68 2.92 1.19
C TYR A 114 16.28 2.99 -0.30
N THR A 115 16.38 4.15 -0.96
CA THR A 115 15.83 4.38 -2.33
C THR A 115 16.88 4.14 -3.43
N ASP A 116 18.14 3.83 -3.12
CA ASP A 116 19.12 3.48 -4.18
C ASP A 116 18.79 2.12 -4.79
N THR A 117 18.16 1.23 -4.01
CA THR A 117 17.75 -0.12 -4.47
C THR A 117 16.23 -0.22 -4.39
N VAL A 118 15.66 -1.31 -4.93
CA VAL A 118 14.20 -1.42 -5.14
C VAL A 118 13.56 -2.44 -4.19
N GLN A 119 14.28 -3.47 -3.74
CA GLN A 119 13.61 -4.65 -3.11
C GLN A 119 13.11 -4.29 -1.70
N LEU A 120 13.97 -3.78 -0.81
CA LEU A 120 13.52 -3.41 0.56
C LEU A 120 12.52 -2.26 0.44
N ARG A 121 12.82 -1.27 -0.39
CA ARG A 121 11.94 -0.11 -0.61
C ARG A 121 10.51 -0.57 -0.90
N ARG A 122 10.36 -1.50 -1.84
CA ARG A 122 9.00 -1.94 -2.27
C ARG A 122 8.26 -2.60 -1.09
N LYS A 123 8.97 -3.37 -0.27
CA LYS A 123 8.37 -4.04 0.91
C LYS A 123 7.93 -2.99 1.93
N LEU A 124 8.79 -2.02 2.25
CA LEU A 124 8.42 -0.92 3.19
C LEU A 124 7.19 -0.19 2.67
N GLU A 125 7.09 0.01 1.36
CA GLU A 125 6.04 0.86 0.73
C GLU A 125 4.71 0.11 0.58
N PHE A 126 4.57 -1.11 1.13
CA PHE A 126 3.24 -1.68 1.44
C PHE A 126 2.57 -0.86 2.54
N PHE A 127 3.31 0.00 3.23
CA PHE A 127 2.82 0.78 4.40
C PHE A 127 3.12 2.26 4.22
N THR A 128 2.25 3.09 4.79
CA THR A 128 2.38 4.57 4.76
C THR A 128 3.37 5.00 5.84
N TYR A 129 3.27 4.39 7.04
CA TYR A 129 4.06 4.78 8.22
C TYR A 129 4.68 3.53 8.84
N SER A 130 5.85 3.68 9.43
CA SER A 130 6.56 2.58 10.11
C SER A 130 7.34 3.11 11.31
N ARG A 131 7.63 2.21 12.22
CA ARG A 131 8.48 2.47 13.38
C ARG A 131 9.31 1.21 13.60
N PHE A 132 10.62 1.34 13.57
CA PHE A 132 11.53 0.18 13.74
C PHE A 132 12.90 0.68 14.16
N ASP A 133 13.62 -0.22 14.83
CA ASP A 133 15.08 -0.15 15.02
C ASP A 133 15.69 -0.73 13.74
N LEU A 134 16.97 -0.48 13.51
CA LEU A 134 17.65 -0.87 12.26
C LEU A 134 18.93 -1.62 12.65
N GLU A 135 19.12 -2.79 12.08
CA GLU A 135 20.44 -3.46 12.08
C GLU A 135 21.13 -3.11 10.76
N MET A 136 22.31 -2.51 10.85
CA MET A 136 23.11 -2.20 9.65
CA MET A 136 23.18 -2.13 9.70
C MET A 136 24.33 -3.14 9.64
N THR A 137 24.54 -3.80 8.50
CA THR A 137 25.67 -4.71 8.27
C THR A 137 26.38 -4.24 6.99
N PHE A 138 27.69 -4.45 6.90
CA PHE A 138 28.50 -4.01 5.74
C PHE A 138 29.31 -5.18 5.21
N VAL A 139 29.37 -5.31 3.89
CA VAL A 139 30.26 -6.29 3.21
C VAL A 139 31.27 -5.48 2.40
N ILE A 140 32.54 -5.66 2.70
CA ILE A 140 33.65 -4.86 2.11
C ILE A 140 34.54 -5.82 1.31
N THR A 141 34.75 -5.47 0.04
CA THR A 141 35.53 -6.27 -0.94
C THR A 141 36.57 -5.37 -1.61
N GLU A 142 37.69 -5.96 -2.01
CA GLU A 142 38.80 -5.26 -2.68
C GLU A 142 39.23 -6.02 -3.92
N ARG A 143 39.85 -5.31 -4.85
CA ARG A 143 40.66 -5.93 -5.93
C ARG A 143 41.86 -5.02 -6.21
N TYR A 144 42.94 -5.61 -6.71
CA TYR A 144 44.09 -4.88 -7.28
C TYR A 144 43.61 -4.20 -8.57
N TYR A 145 43.93 -2.92 -8.73
CA TYR A 145 43.72 -2.18 -10.00
C TYR A 145 44.67 -2.71 -11.09
N ALA A 146 45.91 -3.09 -10.76
CA ALA A 146 46.97 -3.46 -11.72
C ALA A 146 47.95 -4.46 -11.10
N SER A 147 48.81 -5.12 -11.90
CA SER A 147 49.70 -6.22 -11.42
C SER A 147 51.18 -5.80 -11.34
N ASN A 148 51.55 -4.66 -11.94
CA ASN A 148 52.97 -4.28 -12.20
C ASN A 148 53.46 -3.23 -11.18
N THR A 149 52.70 -2.99 -10.10
CA THR A 149 52.90 -1.88 -9.12
C THR A 149 53.07 -2.46 -7.72
N GLY A 150 53.60 -3.68 -7.60
CA GLY A 150 53.87 -4.35 -6.32
C GLY A 150 52.60 -4.64 -5.57
N HIS A 151 52.63 -4.52 -4.23
CA HIS A 151 51.61 -5.08 -3.31
C HIS A 151 51.05 -4.01 -2.37
N ALA A 152 50.11 -4.42 -1.51
CA ALA A 152 49.38 -3.53 -0.59
C ALA A 152 49.20 -4.26 0.73
N ARG A 153 49.50 -3.59 1.83
CA ARG A 153 49.29 -4.14 3.19
C ARG A 153 47.78 -4.16 3.47
N ASN A 154 47.37 -5.01 4.41
CA ASN A 154 45.95 -5.19 4.76
C ASN A 154 45.37 -3.84 5.18
N GLN A 155 44.19 -3.50 4.69
CA GLN A 155 43.59 -2.15 4.84
C GLN A 155 42.58 -2.14 6.00
N VAL A 156 42.56 -1.02 6.71
CA VAL A 156 41.53 -0.68 7.72
C VAL A 156 40.63 0.39 7.11
N TYR A 157 39.32 0.21 7.25
CA TYR A 157 38.27 1.12 6.78
C TYR A 157 37.69 1.86 7.97
N GLN A 158 37.36 3.14 7.79
CA GLN A 158 36.54 3.91 8.74
C GLN A 158 35.22 4.22 8.05
N LEU A 159 34.12 3.81 8.68
CA LEU A 159 32.74 4.18 8.27
C LEU A 159 32.20 5.11 9.35
N MET A 160 32.04 6.39 9.02
CA MET A 160 31.63 7.44 9.99
C MET A 160 30.21 7.87 9.66
N TYR A 161 29.30 7.76 10.63
CA TYR A 161 27.93 8.30 10.53
C TYR A 161 27.99 9.78 10.88
N ILE A 162 27.64 10.64 9.92
CA ILE A 162 27.64 12.12 10.07
C ILE A 162 26.18 12.55 10.18
N PRO A 163 25.66 12.81 11.40
CA PRO A 163 24.30 13.30 11.54
C PRO A 163 24.18 14.68 10.91
N PRO A 164 22.96 15.08 10.45
CA PRO A 164 22.76 16.39 9.83
C PRO A 164 23.35 17.51 10.70
N GLY A 165 24.19 18.36 10.09
CA GLY A 165 24.83 19.50 10.74
C GLY A 165 26.30 19.26 11.03
N ALA A 166 26.71 18.02 11.26
CA ALA A 166 28.12 17.69 11.56
C ALA A 166 28.94 17.93 10.29
N PRO A 167 30.22 18.37 10.43
CA PRO A 167 31.03 18.71 9.26
C PRO A 167 31.35 17.48 8.40
N ARG A 168 31.22 17.64 7.09
CA ARG A 168 31.48 16.56 6.11
C ARG A 168 32.94 16.66 5.66
N PRO A 169 33.64 15.52 5.49
CA PRO A 169 35.04 15.55 5.04
C PRO A 169 35.15 16.10 3.62
N THR A 170 36.22 16.86 3.35
CA THR A 170 36.60 17.32 1.99
C THR A 170 37.88 16.59 1.53
N ALA A 171 38.55 15.86 2.42
CA ALA A 171 39.71 15.01 2.11
C ALA A 171 39.68 13.77 3.00
N TRP A 172 40.33 12.69 2.57
CA TRP A 172 40.34 11.39 3.28
C TRP A 172 41.06 11.52 4.63
N ASP A 173 41.91 12.55 4.82
CA ASP A 173 42.76 12.69 6.03
C ASP A 173 42.53 14.05 6.71
N ASP A 174 41.36 14.68 6.52
CA ASP A 174 41.06 15.96 7.21
C ASP A 174 40.64 15.67 8.65
N TYR A 175 40.39 16.74 9.42
CA TYR A 175 40.15 16.68 10.89
C TYR A 175 38.85 15.95 11.22
N THR A 176 37.88 15.87 10.30
CA THR A 176 36.51 15.35 10.61
C THR A 176 36.59 13.88 11.05
N TRP A 177 37.58 13.14 10.56
CA TRP A 177 37.69 11.67 10.82
C TRP A 177 38.10 11.38 12.26
N GLN A 178 38.55 12.38 13.03
CA GLN A 178 38.88 12.16 14.46
C GLN A 178 37.59 11.76 15.21
N SER A 179 36.42 12.11 14.69
CA SER A 179 35.09 11.53 15.04
C SER A 179 34.91 11.48 16.56
N SER A 180 35.09 12.60 17.27
CA SER A 180 34.96 12.64 18.76
C SER A 180 33.53 12.32 19.19
N SER A 181 32.53 12.62 18.36
CA SER A 181 31.11 12.59 18.77
C SER A 181 30.26 11.75 17.80
N ASN A 182 30.51 11.89 16.50
CA ASN A 182 29.93 10.99 15.46
C ASN A 182 30.31 9.56 15.78
N PRO A 183 29.41 8.58 15.60
CA PRO A 183 29.80 7.17 15.67
C PRO A 183 30.62 6.80 14.43
N SER A 184 31.77 6.17 14.62
CA SER A 184 32.59 5.56 13.54
C SER A 184 32.74 4.08 13.85
N VAL A 185 32.83 3.25 12.80
CA VAL A 185 33.32 1.86 12.97
C VAL A 185 34.59 1.71 12.15
N PHE A 186 35.63 1.17 12.78
CA PHE A 186 36.91 0.79 12.14
C PHE A 186 36.83 -0.70 11.86
N TYR A 187 36.94 -1.05 10.59
CA TYR A 187 36.81 -2.42 10.07
C TYR A 187 38.15 -2.83 9.45
N THR A 188 38.66 -3.99 9.85
CA THR A 188 39.91 -4.57 9.34
C THR A 188 39.57 -5.57 8.23
N TYR A 189 40.08 -5.35 7.02
CA TYR A 189 39.77 -6.19 5.85
C TYR A 189 39.99 -7.67 6.19
N GLY A 190 39.03 -8.52 5.84
CA GLY A 190 39.09 -9.97 6.09
C GLY A 190 38.39 -10.38 7.36
N SER A 191 38.08 -9.44 8.26
CA SER A 191 37.31 -9.71 9.50
C SER A 191 35.83 -9.88 9.16
N ALA A 192 35.05 -10.37 10.12
CA ALA A 192 33.60 -10.57 10.01
C ALA A 192 32.97 -9.25 9.54
N PRO A 193 31.96 -9.29 8.64
CA PRO A 193 31.20 -8.10 8.29
C PRO A 193 30.83 -7.29 9.52
N PRO A 194 31.15 -5.98 9.57
CA PRO A 194 30.83 -5.15 10.72
C PRO A 194 29.32 -4.90 10.79
N ARG A 195 28.84 -4.64 12.01
CA ARG A 195 27.39 -4.57 12.28
C ARG A 195 27.13 -3.70 13.50
N MET A 196 26.09 -2.89 13.41
CA MET A 196 25.58 -2.14 14.59
C MET A 196 24.08 -1.92 14.46
N SER A 197 23.45 -1.69 15.60
CA SER A 197 22.01 -1.37 15.71
C SER A 197 21.85 0.15 15.78
N ILE A 198 20.79 0.64 15.17
CA ILE A 198 20.36 2.07 15.20
C ILE A 198 18.97 2.07 15.81
N PRO A 199 18.67 2.93 16.81
CA PRO A 199 17.30 3.04 17.32
C PRO A 199 16.38 3.63 16.26
N TYR A 200 15.09 3.62 16.54
CA TYR A 200 14.10 4.47 15.84
C TYR A 200 14.52 5.93 16.05
N VAL A 201 14.98 6.62 15.00
CA VAL A 201 15.58 7.99 15.12
C VAL A 201 14.65 9.07 14.57
N GLY A 202 13.43 8.71 14.14
CA GLY A 202 12.51 9.68 13.52
C GLY A 202 12.18 10.82 14.46
N ILE A 203 12.02 12.03 13.91
CA ILE A 203 11.62 13.25 14.67
C ILE A 203 10.09 13.32 14.77
N ALA A 204 9.37 12.47 14.03
CA ALA A 204 7.92 12.25 14.20
C ALA A 204 7.72 10.96 15.01
N ASN A 205 6.47 10.60 15.28
CA ASN A 205 6.12 9.44 16.14
C ASN A 205 6.24 8.15 15.32
N ALA A 206 6.37 8.28 14.00
CA ALA A 206 6.68 7.17 13.06
C ALA A 206 7.45 7.75 11.88
N TYR A 207 8.16 6.91 11.14
CA TYR A 207 8.70 7.26 9.81
C TYR A 207 7.52 7.37 8.85
N SER A 208 7.57 8.34 7.95
CA SER A 208 6.64 8.46 6.80
C SER A 208 7.32 7.86 5.57
N HIS A 209 6.70 6.89 4.92
CA HIS A 209 7.18 6.34 3.62
C HIS A 209 6.68 7.21 2.48
N PHE A 210 5.64 8.01 2.75
CA PHE A 210 4.96 8.91 1.80
C PHE A 210 4.61 10.19 2.56
N TYR A 211 4.84 11.35 1.94
CA TYR A 211 4.52 12.66 2.52
C TYR A 211 3.91 13.53 1.42
N ASP A 212 2.60 13.73 1.48
CA ASP A 212 1.86 14.51 0.46
C ASP A 212 1.97 15.99 0.82
N GLY A 213 3.14 16.58 0.62
CA GLY A 213 3.32 17.99 1.00
C GLY A 213 4.69 18.52 0.69
N PHE A 214 4.96 19.69 1.28
CA PHE A 214 6.15 20.54 1.00
C PHE A 214 6.82 20.85 2.33
N ALA A 215 8.06 21.33 2.26
CA ALA A 215 8.88 21.69 3.43
C ALA A 215 8.52 23.10 3.91
N ARG A 216 7.99 23.95 3.03
CA ARG A 216 7.57 25.33 3.39
C ARG A 216 6.38 25.76 2.55
N VAL A 217 5.62 26.71 3.08
CA VAL A 217 4.48 27.36 2.37
C VAL A 217 5.05 28.52 1.56
N PRO A 218 4.94 28.50 0.22
CA PRO A 218 5.29 29.67 -0.58
C PRO A 218 4.15 30.68 -0.41
N LEU A 219 4.50 31.93 -0.14
CA LEU A 219 3.53 32.99 0.24
C LEU A 219 3.33 33.97 -0.92
N LYS A 220 2.17 34.63 -0.92
CA LYS A 220 1.73 35.62 -1.93
C LYS A 220 2.85 36.66 -2.14
N ASP A 221 3.25 36.88 -3.40
CA ASP A 221 4.14 37.98 -3.85
C ASP A 221 5.56 37.88 -3.26
N GLU A 222 5.98 36.72 -2.73
CA GLU A 222 7.37 36.57 -2.20
C GLU A 222 8.33 36.49 -3.39
N THR A 223 9.59 36.89 -3.19
CA THR A 223 10.63 36.93 -4.25
C THR A 223 11.33 35.56 -4.38
N VAL A 224 11.14 34.65 -3.42
CA VAL A 224 11.69 33.25 -3.42
C VAL A 224 11.20 32.53 -4.68
N ASP A 225 12.08 31.77 -5.35
CA ASP A 225 11.78 31.06 -6.63
C ASP A 225 10.89 29.85 -6.36
N SER A 226 9.82 29.69 -7.15
CA SER A 226 8.81 28.58 -7.07
C SER A 226 8.91 27.67 -8.31
N GLY A 227 9.90 27.90 -9.18
CA GLY A 227 10.05 27.21 -10.48
C GLY A 227 10.89 25.96 -10.40
N ASP A 228 11.78 25.86 -9.39
CA ASP A 228 12.76 24.73 -9.24
C ASP A 228 12.64 24.08 -7.85
N THR A 229 11.48 24.18 -7.20
CA THR A 229 11.20 23.54 -5.88
C THR A 229 10.63 22.13 -6.11
N TYR A 230 10.83 21.26 -5.13
CA TYR A 230 10.47 19.83 -5.19
C TYR A 230 9.25 19.58 -4.30
N TYR A 231 8.79 18.34 -4.28
CA TYR A 231 7.52 17.91 -3.64
C TYR A 231 7.77 16.59 -2.92
N GLY A 232 7.15 16.40 -1.76
CA GLY A 232 7.11 15.11 -1.08
C GLY A 232 8.29 14.87 -0.15
N LEU A 233 8.48 13.61 0.21
CA LEU A 233 9.43 13.14 1.27
C LEU A 233 10.84 13.72 1.03
N VAL A 234 11.27 13.82 -0.23
CA VAL A 234 12.64 14.29 -0.58
C VAL A 234 12.86 15.71 -0.03
N THR A 235 11.82 16.52 0.14
CA THR A 235 11.94 17.92 0.63
C THR A 235 12.13 17.96 2.15
N ILE A 236 11.83 16.87 2.89
CA ILE A 236 11.80 16.91 4.38
C ILE A 236 12.73 15.85 5.01
N ASN A 237 13.10 14.78 4.29
CA ASN A 237 13.87 13.65 4.88
C ASN A 237 15.34 14.04 4.95
N ASP A 238 16.02 13.65 6.03
CA ASP A 238 17.49 13.79 6.18
C ASP A 238 17.94 12.83 7.27
N PHE A 239 18.50 11.69 6.89
CA PHE A 239 19.02 10.66 7.84
C PHE A 239 20.54 10.79 7.96
N GLY A 240 21.10 11.92 7.53
CA GLY A 240 22.55 12.18 7.62
C GLY A 240 23.32 11.46 6.52
N THR A 241 24.62 11.34 6.72
CA THR A 241 25.61 10.94 5.69
C THR A 241 26.48 9.82 6.26
N LEU A 242 26.75 8.79 5.46
CA LEU A 242 27.82 7.82 5.76
C LEU A 242 29.06 8.25 4.98
N ALA A 243 30.18 8.47 5.68
CA ALA A 243 31.48 8.78 5.08
C ALA A 243 32.39 7.55 5.27
N VAL A 244 33.05 7.11 4.20
CA VAL A 244 33.93 5.93 4.23
C VAL A 244 35.31 6.34 3.69
N ARG A 245 36.36 5.86 4.35
CA ARG A 245 37.74 6.00 3.86
C ARG A 245 38.50 4.70 4.13
N VAL A 246 39.58 4.49 3.39
CA VAL A 246 40.68 3.60 3.81
C VAL A 246 41.59 4.44 4.70
N VAL A 247 41.84 3.98 5.91
CA VAL A 247 42.64 4.73 6.92
C VAL A 247 44.12 4.70 6.49
N ASN A 248 44.54 3.62 5.84
CA ASN A 248 45.95 3.43 5.40
C ASN A 248 46.32 4.51 4.39
N GLU A 249 47.57 4.96 4.44
CA GLU A 249 48.20 5.74 3.34
C GLU A 249 48.41 4.81 2.13
N TYR A 250 48.74 5.40 0.99
CA TYR A 250 48.83 4.67 -0.30
C TYR A 250 50.01 3.69 -0.31
N ASN A 251 49.77 2.55 -0.93
CA ASN A 251 50.80 1.58 -1.36
C ASN A 251 51.17 1.90 -2.81
N PRO A 252 52.26 1.31 -3.35
CA PRO A 252 52.54 1.42 -4.79
C PRO A 252 51.38 0.84 -5.61
N ALA A 253 50.76 -0.24 -5.12
CA ALA A 253 49.62 -0.91 -5.76
C ALA A 253 48.32 -0.19 -5.37
N ARG A 254 47.62 0.34 -6.36
CA ARG A 254 46.27 0.93 -6.20
C ARG A 254 45.28 -0.18 -5.85
N ILE A 255 44.53 -0.01 -4.76
CA ILE A 255 43.44 -0.93 -4.33
C ILE A 255 42.11 -0.20 -4.48
N THR A 256 41.16 -0.86 -5.12
CA THR A 256 39.77 -0.35 -5.28
CA THR A 256 39.77 -0.37 -5.31
C THR A 256 38.86 -1.23 -4.43
N SER A 257 37.94 -0.61 -3.70
CA SER A 257 37.06 -1.28 -2.71
C SER A 257 35.59 -1.00 -3.03
N LYS A 258 34.72 -1.95 -2.72
CA LYS A 258 33.26 -1.74 -2.69
C LYS A 258 32.79 -1.98 -1.25
N ILE A 259 31.89 -1.14 -0.78
CA ILE A 259 31.21 -1.29 0.54
C ILE A 259 29.73 -1.46 0.22
N ARG A 260 29.20 -2.65 0.47
CA ARG A 260 27.76 -2.94 0.35
C ARG A 260 27.13 -2.70 1.71
N VAL A 261 26.07 -1.90 1.74
CA VAL A 261 25.37 -1.49 2.99
C VAL A 261 24.08 -2.30 3.05
N TYR A 262 23.84 -2.96 4.18
CA TYR A 262 22.65 -3.82 4.42
C TYR A 262 21.84 -3.22 5.56
N MET A 263 20.52 -3.23 5.41
CA MET A 263 19.56 -2.77 6.43
C MET A 263 18.58 -3.90 6.73
N LYS A 264 18.32 -4.14 8.01
CA LYS A 264 17.22 -5.01 8.49
C LYS A 264 16.40 -4.22 9.48
N PRO A 265 15.13 -3.90 9.16
CA PRO A 265 14.20 -3.33 10.15
C PRO A 265 13.95 -4.40 11.21
N LYS A 266 14.03 -4.03 12.49
CA LYS A 266 13.62 -4.95 13.58
C LYS A 266 12.79 -4.19 14.60
N HIS A 267 12.01 -4.94 15.38
CA HIS A 267 11.06 -4.39 16.38
C HIS A 267 10.07 -3.51 15.61
N VAL A 268 9.44 -4.10 14.58
CA VAL A 268 8.71 -3.35 13.50
C VAL A 268 7.25 -3.16 13.89
N ARG A 269 6.76 -1.94 13.68
CA ARG A 269 5.32 -1.61 13.59
C ARG A 269 5.08 -0.87 12.28
N CYS A 270 3.94 -1.09 11.64
CA CYS A 270 3.54 -0.40 10.39
C CYS A 270 2.06 -0.08 10.43
N TRP A 271 1.69 0.99 9.71
CA TRP A 271 0.31 1.52 9.66
C TRP A 271 -0.08 1.86 8.22
N CYS A 272 -1.36 1.69 7.90
CA CYS A 272 -2.04 2.24 6.70
C CYS A 272 -1.48 1.56 5.46
N PRO A 273 -2.00 0.36 5.14
CA PRO A 273 -1.48 -0.41 4.01
C PRO A 273 -1.79 0.27 2.68
N ARG A 274 -0.95 -0.02 1.70
CA ARG A 274 -0.99 0.59 0.36
C ARG A 274 -0.87 -0.51 -0.69
N PRO A 275 -1.41 -0.30 -1.90
CA PRO A 275 -1.10 -1.16 -3.03
C PRO A 275 0.41 -1.12 -3.24
N PRO A 276 1.05 -2.26 -3.56
CA PRO A 276 2.50 -2.25 -3.82
C PRO A 276 2.84 -1.65 -5.19
N ARG A 277 4.08 -1.21 -5.31
CA ARG A 277 4.64 -0.63 -6.55
C ARG A 277 4.43 -1.62 -7.71
N ALA A 278 3.75 -1.19 -8.77
CA ALA A 278 3.36 -2.06 -9.89
C ALA A 278 4.29 -1.88 -11.10
N VAL A 279 5.01 -0.75 -11.17
CA VAL A 279 5.84 -0.39 -12.35
C VAL A 279 7.20 0.08 -11.82
N PRO A 280 8.27 0.05 -12.66
CA PRO A 280 9.59 0.50 -12.21
C PRO A 280 9.58 1.90 -11.59
N TYR A 281 10.41 2.07 -10.56
CA TYR A 281 10.77 3.38 -9.97
C TYR A 281 11.65 4.14 -10.97
N ARG A 282 11.73 5.46 -10.92
CA ARG A 282 12.74 6.21 -11.73
C ARG A 282 13.47 7.27 -10.88
N GLY A 283 13.43 7.12 -9.57
CA GLY A 283 14.04 8.05 -8.60
C GLY A 283 13.43 7.87 -7.24
N GLU A 284 13.62 8.85 -6.37
CA GLU A 284 13.31 8.77 -4.91
C GLU A 284 11.80 8.97 -4.68
N GLY A 285 11.06 9.48 -5.67
CA GLY A 285 9.61 9.76 -5.56
C GLY A 285 8.77 8.64 -6.14
N VAL A 286 7.49 8.91 -6.38
CA VAL A 286 6.49 7.93 -6.89
C VAL A 286 6.42 8.00 -8.42
N ASP A 287 7.27 8.81 -9.05
CA ASP A 287 7.21 9.09 -10.50
C ASP A 287 7.38 7.78 -11.27
N PHE A 288 6.83 7.70 -12.48
CA PHE A 288 6.95 6.49 -13.34
C PHE A 288 7.52 6.93 -14.68
N LYS A 289 7.95 5.93 -15.46
CA LYS A 289 8.70 6.14 -16.73
C LYS A 289 7.81 5.73 -17.90
N GLN A 290 7.69 6.60 -18.91
CA GLN A 290 6.73 6.44 -20.04
C GLN A 290 6.92 5.10 -20.74
N ASP A 291 8.15 4.59 -20.85
CA ASP A 291 8.37 3.31 -21.59
C ASP A 291 8.14 2.10 -20.68
N SER A 292 7.74 2.28 -19.41
CA SER A 292 7.62 1.17 -18.41
C SER A 292 6.38 1.35 -17.56
N ILE A 293 5.19 1.44 -18.17
CA ILE A 293 3.90 1.59 -17.44
C ILE A 293 2.89 0.56 -17.96
N THR A 294 3.36 -0.58 -18.47
CA THR A 294 2.49 -1.66 -19.01
C THR A 294 2.86 -2.97 -18.34
N PRO A 295 2.63 -3.11 -17.01
CA PRO A 295 3.02 -4.32 -16.29
C PRO A 295 2.28 -5.59 -16.72
N LEU A 296 1.00 -5.50 -17.08
CA LEU A 296 0.21 -6.71 -17.45
C LEU A 296 0.63 -7.17 -18.85
N THR A 297 0.74 -8.48 -19.02
CA THR A 297 0.80 -9.15 -20.34
C THR A 297 -0.64 -9.45 -20.75
N ALA A 298 -1.07 -8.96 -21.91
CA ALA A 298 -2.43 -9.19 -22.45
C ALA A 298 -2.66 -10.70 -22.57
N VAL A 299 -3.81 -11.19 -22.12
CA VAL A 299 -4.21 -12.61 -22.34
C VAL A 299 -4.83 -12.71 -23.74
N GLU A 300 -4.78 -13.89 -24.33
CA GLU A 300 -5.32 -14.14 -25.70
C GLU A 300 -6.83 -13.85 -25.73
N ASN A 301 -7.53 -14.20 -24.64
CA ASN A 301 -9.01 -14.15 -24.54
CA ASN A 301 -8.98 -13.86 -24.50
C ASN A 301 -9.40 -14.06 -23.05
N ILE A 302 -10.58 -13.54 -22.74
CA ILE A 302 -11.08 -13.52 -21.33
C ILE A 302 -11.30 -14.96 -20.83
N ASN A 303 -11.39 -15.92 -21.75
CA ASN A 303 -11.58 -17.37 -21.45
C ASN A 303 -10.30 -18.19 -21.61
N THR A 304 -9.17 -17.72 -21.08
CA THR A 304 -7.86 -18.41 -21.18
C THR A 304 -7.49 -19.00 -19.81
N PHE A 305 -7.55 -20.33 -19.70
CA PHE A 305 -7.02 -21.07 -18.52
C PHE A 305 -5.49 -21.08 -18.57
N GLY B 8 -38.17 -0.88 10.48
CA GLY B 8 -38.26 0.53 9.99
C GLY B 8 -36.89 1.07 9.59
N TYR B 9 -35.92 1.00 10.51
CA TYR B 9 -34.53 1.51 10.33
C TYR B 9 -33.86 0.68 9.23
N SER B 10 -33.06 1.33 8.38
CA SER B 10 -32.52 0.75 7.12
C SER B 10 -31.06 1.19 6.93
N ASP B 11 -30.24 0.29 6.41
CA ASP B 11 -28.85 0.56 5.96
C ASP B 11 -28.83 1.57 4.82
N ARG B 12 -29.98 1.80 4.17
CA ARG B 12 -30.11 2.68 2.98
C ARG B 12 -30.47 4.11 3.38
N VAL B 13 -30.97 4.34 4.59
CA VAL B 13 -31.56 5.66 4.96
C VAL B 13 -30.78 6.20 6.15
N ARG B 14 -30.19 7.39 6.00
CA ARG B 14 -29.24 7.96 6.98
C ARG B 14 -29.45 9.47 7.07
N GLN B 15 -29.29 10.01 8.27
CA GLN B 15 -29.18 11.47 8.52
C GLN B 15 -27.85 11.73 9.20
N ILE B 16 -27.14 12.74 8.74
CA ILE B 16 -25.88 13.22 9.40
C ILE B 16 -26.06 14.70 9.67
N THR B 17 -25.95 15.10 10.94
CA THR B 17 -25.98 16.50 11.38
C THR B 17 -24.63 16.85 11.98
N LEU B 18 -24.00 17.91 11.47
CA LEU B 18 -22.81 18.53 12.06
C LEU B 18 -22.99 20.04 12.01
N GLY B 19 -22.91 20.68 13.17
CA GLY B 19 -23.15 22.13 13.31
C GLY B 19 -24.54 22.48 12.82
N ASN B 20 -24.64 23.45 11.91
CA ASN B 20 -25.93 23.95 11.38
C ASN B 20 -26.31 23.21 10.09
N SER B 21 -25.69 22.07 9.78
CA SER B 21 -25.81 21.39 8.47
C SER B 21 -26.29 19.95 8.65
N THR B 22 -27.22 19.51 7.82
CA THR B 22 -27.74 18.13 7.82
C THR B 22 -27.73 17.57 6.41
N ILE B 23 -27.34 16.31 6.28
CA ILE B 23 -27.45 15.51 5.04
C ILE B 23 -28.48 14.42 5.29
N THR B 24 -29.35 14.17 4.31
CA THR B 24 -30.19 12.95 4.24
C THR B 24 -29.76 12.15 3.01
N THR B 25 -29.89 10.84 3.10
CA THR B 25 -29.82 9.93 1.93
C THR B 25 -30.85 8.83 2.16
N GLN B 26 -31.54 8.42 1.09
CA GLN B 26 -32.51 7.30 1.12
C GLN B 26 -31.96 6.10 0.33
N GLU B 27 -30.78 6.20 -0.28
CA GLU B 27 -30.16 5.07 -1.02
C GLU B 27 -28.66 5.03 -0.68
N ALA B 28 -28.35 4.91 0.61
CA ALA B 28 -26.98 4.69 1.11
C ALA B 28 -26.65 3.20 1.05
N ALA B 29 -25.40 2.88 1.37
CA ALA B 29 -24.93 1.49 1.57
C ALA B 29 -24.09 1.47 2.84
N ASN B 30 -24.74 1.56 4.01
CA ASN B 30 -24.03 1.64 5.31
C ASN B 30 -23.15 2.91 5.25
N ALA B 31 -22.09 2.95 6.05
CA ALA B 31 -21.11 4.05 6.07
C ALA B 31 -19.78 3.44 6.49
N VAL B 32 -18.67 3.97 5.98
CA VAL B 32 -17.32 3.49 6.37
C VAL B 32 -16.79 4.41 7.46
N VAL B 33 -16.19 3.80 8.47
CA VAL B 33 -15.34 4.49 9.48
C VAL B 33 -13.92 3.99 9.20
N ALA B 34 -13.09 4.84 8.59
CA ALA B 34 -11.75 4.46 8.09
C ALA B 34 -10.97 3.80 9.24
N TYR B 35 -10.45 2.60 8.98
CA TYR B 35 -9.61 1.82 9.93
C TYR B 35 -10.37 1.57 11.24
N GLY B 36 -11.70 1.63 11.19
CA GLY B 36 -12.60 1.38 12.34
C GLY B 36 -12.45 2.43 13.44
N GLU B 37 -11.91 3.62 13.15
CA GLU B 37 -11.63 4.63 14.21
C GLU B 37 -12.35 5.94 13.92
N TRP B 38 -13.26 6.30 14.82
CA TRP B 38 -13.95 7.61 14.81
C TRP B 38 -12.92 8.70 15.13
N PRO B 39 -12.99 9.89 14.51
CA PRO B 39 -12.12 10.99 14.91
C PRO B 39 -12.33 11.39 16.37
N SER B 40 -11.32 12.03 16.96
CA SER B 40 -11.35 12.49 18.37
C SER B 40 -10.38 13.65 18.53
N TYR B 41 -10.51 14.37 19.64
CA TYR B 41 -9.55 15.42 20.05
C TYR B 41 -8.24 14.77 20.47
N LEU B 42 -7.17 15.57 20.49
CA LEU B 42 -5.81 15.11 20.85
C LEU B 42 -5.68 15.04 22.38
N ASP B 43 -5.39 13.85 22.90
CA ASP B 43 -5.22 13.59 24.35
C ASP B 43 -3.94 14.26 24.86
N ASP B 44 -3.94 14.66 26.14
CA ASP B 44 -2.77 15.27 26.82
C ASP B 44 -1.55 14.35 26.74
N LYS B 45 -1.75 13.03 26.77
CA LYS B 45 -0.66 12.01 26.78
C LYS B 45 -0.09 11.79 25.37
N GLU B 46 -0.66 12.42 24.34
CA GLU B 46 -0.15 12.35 22.94
C GLU B 46 0.12 13.76 22.38
N ALA B 47 0.00 14.79 23.21
CA ALA B 47 0.05 16.20 22.74
C ALA B 47 1.50 16.59 22.43
N ASN B 48 1.68 17.66 21.67
CA ASN B 48 3.02 18.14 21.25
C ASN B 48 3.10 19.64 21.49
N PRO B 49 2.54 20.52 20.64
CA PRO B 49 2.58 21.96 20.92
C PRO B 49 1.84 22.25 22.24
N ILE B 50 2.37 23.16 23.04
CA ILE B 50 1.94 23.35 24.46
C ILE B 50 0.98 24.53 24.62
N ASP B 51 0.80 25.37 23.60
CA ASP B 51 -0.17 26.49 23.68
C ASP B 51 -1.58 25.90 23.78
N ALA B 52 -2.47 26.55 24.50
CA ALA B 52 -3.91 26.18 24.56
C ALA B 52 -4.43 26.21 23.13
N PRO B 53 -4.94 25.08 22.59
CA PRO B 53 -5.43 25.05 21.22
C PRO B 53 -6.77 25.77 21.05
N THR B 54 -7.03 26.22 19.83
CA THR B 54 -8.36 26.65 19.35
C THR B 54 -9.11 25.40 18.89
N GLU B 55 -10.33 25.21 19.39
CA GLU B 55 -11.26 24.13 18.99
C GLU B 55 -12.53 24.82 18.50
N PRO B 56 -12.60 25.18 17.20
CA PRO B 56 -13.66 26.05 16.70
C PRO B 56 -15.05 25.40 16.71
N ASP B 57 -15.12 24.07 16.80
CA ASP B 57 -16.39 23.33 17.01
C ASP B 57 -17.34 23.70 15.86
N VAL B 58 -18.57 24.15 16.13
CA VAL B 58 -19.66 24.24 15.12
C VAL B 58 -19.34 25.27 14.03
N SER B 59 -18.48 26.28 14.29
CA SER B 59 -18.15 27.31 13.26
C SER B 59 -17.51 26.64 12.03
N SER B 60 -16.76 25.56 12.25
CA SER B 60 -15.85 24.92 11.25
C SER B 60 -16.20 23.45 11.01
N ASN B 61 -16.86 22.79 11.96
CA ASN B 61 -17.08 21.32 11.95
C ASN B 61 -18.50 21.11 11.43
N ARG B 62 -18.65 21.25 10.11
CA ARG B 62 -19.96 21.38 9.43
C ARG B 62 -19.74 21.02 7.96
N PHE B 63 -20.82 20.70 7.25
CA PHE B 63 -20.75 20.26 5.84
C PHE B 63 -20.51 21.47 4.92
N TYR B 64 -19.44 21.39 4.16
CA TYR B 64 -19.12 22.31 3.04
C TYR B 64 -19.28 21.55 1.73
N THR B 65 -20.10 22.08 0.82
CA THR B 65 -20.36 21.47 -0.51
C THR B 65 -19.44 22.14 -1.54
N LEU B 66 -18.60 21.33 -2.18
CA LEU B 66 -17.69 21.79 -3.26
C LEU B 66 -18.52 22.04 -4.53
N ASP B 67 -17.93 22.72 -5.51
CA ASP B 67 -18.46 22.77 -6.89
C ASP B 67 -18.67 21.34 -7.38
N SER B 68 -19.81 21.08 -8.03
CA SER B 68 -20.14 19.75 -8.60
C SER B 68 -19.28 19.50 -9.83
N VAL B 69 -19.03 18.24 -10.14
CA VAL B 69 -18.35 17.82 -11.42
C VAL B 69 -19.36 16.99 -12.21
N GLN B 70 -19.13 16.84 -13.51
CA GLN B 70 -20.05 16.13 -14.42
C GLN B 70 -19.44 14.77 -14.77
N TRP B 71 -20.14 13.70 -14.45
CA TRP B 71 -19.79 12.32 -14.86
C TRP B 71 -20.32 12.11 -16.29
N LYS B 72 -19.41 11.87 -17.22
CA LYS B 72 -19.70 11.54 -18.65
C LYS B 72 -19.18 10.13 -18.93
N SER B 73 -19.63 9.51 -20.03
CA SER B 73 -19.16 8.19 -20.50
C SER B 73 -17.64 8.20 -20.71
N THR B 74 -17.03 9.37 -20.95
CA THR B 74 -15.59 9.57 -21.23
C THR B 74 -14.79 10.02 -20.00
N SER B 75 -15.43 10.31 -18.85
CA SER B 75 -14.73 10.74 -17.61
C SER B 75 -13.74 9.65 -17.15
N ARG B 76 -12.53 10.03 -16.75
CA ARG B 76 -11.51 9.07 -16.25
C ARG B 76 -11.40 9.16 -14.71
N GLY B 77 -11.97 10.19 -14.09
CA GLY B 77 -12.05 10.29 -12.63
C GLY B 77 -11.59 11.64 -12.10
N TRP B 78 -11.68 11.78 -10.78
CA TRP B 78 -11.51 13.06 -10.05
C TRP B 78 -10.68 12.81 -8.80
N TRP B 79 -9.89 13.79 -8.40
CA TRP B 79 -9.16 13.76 -7.12
C TRP B 79 -9.25 15.11 -6.43
N TRP B 80 -9.24 15.06 -5.10
CA TRP B 80 -9.08 16.21 -4.20
C TRP B 80 -8.08 15.81 -3.12
N LYS B 81 -7.52 16.80 -2.44
CA LYS B 81 -6.68 16.59 -1.24
C LYS B 81 -7.36 17.29 -0.07
N LEU B 82 -7.15 16.77 1.13
CA LEU B 82 -7.68 17.36 2.38
C LEU B 82 -6.57 17.62 3.39
N PRO B 83 -6.39 18.89 3.81
CA PRO B 83 -7.50 19.84 3.98
C PRO B 83 -7.58 20.83 2.80
N ASP B 84 -6.72 20.69 1.78
CA ASP B 84 -6.62 21.64 0.61
C ASP B 84 -8.00 21.98 0.05
N ALA B 85 -8.86 20.99 -0.18
CA ALA B 85 -10.20 21.19 -0.82
C ALA B 85 -11.06 22.16 0.00
N LEU B 86 -10.82 22.28 1.32
CA LEU B 86 -11.64 23.09 2.25
C LEU B 86 -10.92 24.38 2.66
N LYS B 87 -9.79 24.72 2.05
CA LYS B 87 -8.93 25.84 2.53
C LYS B 87 -9.65 27.19 2.42
N ASP B 88 -10.65 27.31 1.54
CA ASP B 88 -11.41 28.58 1.31
CA ASP B 88 -11.39 28.59 1.32
C ASP B 88 -12.84 28.42 1.82
N MET B 89 -13.08 27.45 2.72
CA MET B 89 -14.45 27.14 3.24
C MET B 89 -14.67 27.79 4.60
N GLY B 90 -15.40 28.90 4.60
CA GLY B 90 -15.93 29.57 5.80
C GLY B 90 -14.88 29.69 6.90
N MET B 91 -15.29 29.38 8.12
CA MET B 91 -14.42 29.59 9.32
CA MET B 91 -14.44 29.57 9.33
C MET B 91 -13.38 28.46 9.41
N PHE B 92 -13.61 27.31 8.76
CA PHE B 92 -12.57 26.25 8.72
C PHE B 92 -11.32 26.83 8.06
N GLY B 93 -11.48 27.43 6.88
CA GLY B 93 -10.38 28.05 6.13
C GLY B 93 -9.68 29.13 6.94
N GLN B 94 -10.43 29.97 7.65
CA GLN B 94 -9.85 31.07 8.47
C GLN B 94 -9.01 30.44 9.60
N ASN B 95 -9.57 29.48 10.34
CA ASN B 95 -8.83 28.81 11.44
C ASN B 95 -7.58 28.12 10.87
N MET B 96 -7.70 27.45 9.73
CA MET B 96 -6.56 26.76 9.10
C MET B 96 -5.42 27.75 8.84
N TYR B 97 -5.71 28.91 8.27
CA TYR B 97 -4.65 29.84 7.78
C TYR B 97 -4.15 30.77 8.89
N TYR B 98 -4.91 31.01 9.95
CA TYR B 98 -4.45 31.86 11.09
C TYR B 98 -3.51 31.08 12.01
N HIS B 99 -3.42 29.75 11.87
CA HIS B 99 -2.60 28.87 12.74
C HIS B 99 -1.53 28.15 11.93
N TYR B 100 -0.36 28.00 12.54
CA TYR B 100 0.77 27.17 12.05
C TYR B 100 0.33 25.71 11.97
N LEU B 101 -0.42 25.23 12.96
CA LEU B 101 -0.73 23.79 13.13
C LEU B 101 -2.23 23.56 13.15
N GLY B 102 -2.65 22.44 12.58
CA GLY B 102 -4.05 22.00 12.63
C GLY B 102 -4.17 20.51 12.46
N ARG B 103 -5.22 19.94 13.05
CA ARG B 103 -5.61 18.54 12.80
C ARG B 103 -7.13 18.51 12.67
N SER B 104 -7.61 17.53 11.91
CA SER B 104 -9.04 17.38 11.58
C SER B 104 -9.29 15.94 11.15
N GLY B 105 -10.41 15.39 11.59
CA GLY B 105 -11.10 14.29 10.90
C GLY B 105 -12.09 14.86 9.92
N TYR B 106 -12.83 14.00 9.23
CA TYR B 106 -13.80 14.42 8.19
C TYR B 106 -14.96 13.43 8.13
N THR B 107 -16.15 13.93 7.83
CA THR B 107 -17.21 13.13 7.18
C THR B 107 -17.22 13.54 5.71
N VAL B 108 -16.91 12.59 4.83
CA VAL B 108 -16.96 12.79 3.36
C VAL B 108 -18.27 12.16 2.87
N HIS B 109 -19.11 12.96 2.20
CA HIS B 109 -20.39 12.49 1.63
C HIS B 109 -20.38 12.77 0.13
N VAL B 110 -20.26 11.72 -0.67
CA VAL B 110 -20.23 11.82 -2.16
C VAL B 110 -21.64 11.46 -2.65
N GLN B 111 -22.18 12.32 -3.51
CA GLN B 111 -23.60 12.30 -3.94
C GLN B 111 -23.65 12.12 -5.45
N CYS B 112 -24.37 11.09 -5.91
CA CYS B 112 -24.55 10.85 -7.35
C CYS B 112 -25.79 9.99 -7.57
N ASN B 113 -26.89 10.63 -7.94
CA ASN B 113 -28.17 9.94 -8.25
C ASN B 113 -28.34 9.90 -9.77
N ALA B 114 -29.12 8.93 -10.23
CA ALA B 114 -29.40 8.75 -11.66
C ALA B 114 -30.84 8.24 -11.80
N SER B 115 -31.04 7.08 -12.41
CA SER B 115 -32.38 6.46 -12.52
C SER B 115 -32.16 4.95 -12.50
N LYS B 116 -33.25 4.21 -12.39
CA LYS B 116 -33.25 2.73 -12.44
C LYS B 116 -32.86 2.25 -13.84
N PHE B 117 -32.71 3.14 -14.82
CA PHE B 117 -32.36 2.80 -16.23
C PHE B 117 -30.91 3.20 -16.55
N HIS B 118 -30.23 3.95 -15.69
CA HIS B 118 -28.80 4.30 -15.84
C HIS B 118 -27.97 3.17 -15.24
N GLN B 119 -26.71 3.07 -15.66
CA GLN B 119 -25.75 2.14 -15.02
C GLN B 119 -24.38 2.81 -14.96
N GLY B 120 -23.57 2.35 -14.01
CA GLY B 120 -22.21 2.85 -13.79
C GLY B 120 -21.83 2.63 -12.34
N ALA B 121 -20.54 2.63 -12.06
CA ALA B 121 -20.02 2.43 -10.69
C ALA B 121 -18.82 3.33 -10.47
N LEU B 122 -18.87 4.10 -9.39
CA LEU B 122 -17.75 4.96 -8.91
C LEU B 122 -17.11 4.29 -7.71
N GLY B 123 -15.79 4.10 -7.75
CA GLY B 123 -14.98 3.81 -6.56
C GLY B 123 -14.67 5.11 -5.86
N VAL B 124 -14.96 5.20 -4.56
CA VAL B 124 -14.69 6.41 -3.73
C VAL B 124 -13.68 5.99 -2.67
N PHE B 125 -12.44 6.49 -2.77
CA PHE B 125 -11.30 6.05 -1.93
C PHE B 125 -10.77 7.24 -1.14
N ALA B 126 -10.51 7.01 0.15
CA ALA B 126 -9.81 7.95 1.04
C ALA B 126 -8.40 7.39 1.24
N ILE B 127 -7.39 8.11 0.75
CA ILE B 127 -5.98 7.63 0.65
C ILE B 127 -5.12 8.47 1.56
N PRO B 128 -4.52 7.90 2.63
CA PRO B 128 -3.57 8.64 3.45
C PRO B 128 -2.31 8.93 2.62
N GLU B 129 -1.76 10.14 2.74
CA GLU B 129 -0.51 10.57 2.06
C GLU B 129 -0.61 10.22 0.57
N TYR B 130 -1.59 10.81 -0.12
CA TYR B 130 -1.83 10.51 -1.55
C TYR B 130 -0.81 11.28 -2.40
N VAL B 131 0.41 10.76 -2.44
CA VAL B 131 1.54 11.34 -3.22
C VAL B 131 1.36 10.91 -4.68
N MET B 132 1.41 11.84 -5.62
CA MET B 132 1.22 11.53 -7.06
CA MET B 132 1.20 11.56 -7.06
C MET B 132 2.46 11.90 -7.87
N ALA B 133 2.62 11.24 -9.01
CA ALA B 133 3.76 11.35 -9.94
C ALA B 133 3.73 12.74 -10.59
N CYS B 134 4.91 13.27 -10.92
CA CYS B 134 5.04 14.54 -11.67
C CYS B 134 5.03 14.25 -13.18
N ASN B 135 4.93 15.29 -14.00
CA ASN B 135 4.66 15.15 -15.45
C ASN B 135 5.88 15.60 -16.29
N THR B 136 7.09 15.39 -15.77
CA THR B 136 8.35 15.58 -16.52
C THR B 136 9.31 14.45 -16.17
N GLU B 137 10.02 13.93 -17.18
CA GLU B 137 11.07 12.90 -16.97
C GLU B 137 12.47 13.54 -16.94
N ALA B 138 12.56 14.87 -17.00
CA ALA B 138 13.81 15.63 -16.81
C ALA B 138 14.13 15.75 -15.30
N LYS B 139 13.13 15.58 -14.44
CA LYS B 139 13.26 15.74 -12.97
C LYS B 139 12.45 14.65 -12.28
N THR B 140 12.63 14.49 -10.97
CA THR B 140 11.77 13.66 -10.09
C THR B 140 11.13 14.57 -9.04
N SER B 141 9.96 14.19 -8.53
CA SER B 141 9.29 14.87 -7.38
C SER B 141 9.14 16.37 -7.68
N TYR B 142 8.80 16.70 -8.92
CA TYR B 142 8.89 18.08 -9.48
C TYR B 142 7.48 18.59 -9.75
N VAL B 143 6.80 19.00 -8.68
CA VAL B 143 5.39 19.49 -8.72
C VAL B 143 5.37 20.84 -8.00
N SER B 144 4.74 21.84 -8.61
CA SER B 144 4.56 23.17 -7.99
C SER B 144 3.52 23.06 -6.89
N TYR B 145 3.66 23.90 -5.86
CA TYR B 145 2.67 24.04 -4.76
C TYR B 145 1.28 24.32 -5.35
N VAL B 146 1.19 25.24 -6.32
CA VAL B 146 -0.09 25.68 -6.92
C VAL B 146 -0.78 24.49 -7.60
N ASN B 147 -0.03 23.65 -8.33
CA ASN B 147 -0.63 22.50 -9.06
C ASN B 147 -0.99 21.38 -8.07
N ALA B 148 -0.23 21.22 -6.98
CA ALA B 148 -0.49 20.20 -5.94
C ALA B 148 -1.73 20.57 -5.12
N ASN B 149 -2.07 21.86 -5.03
CA ASN B 149 -3.09 22.41 -4.11
C ASN B 149 -4.14 23.18 -4.91
N PRO B 150 -4.95 22.50 -5.74
CA PRO B 150 -5.95 23.18 -6.57
C PRO B 150 -7.17 23.68 -5.81
N GLY B 151 -7.36 23.26 -4.55
CA GLY B 151 -8.52 23.66 -3.74
C GLY B 151 -9.75 22.87 -4.14
N GLU B 152 -10.92 23.49 -4.02
CA GLU B 152 -12.23 22.78 -4.17
C GLU B 152 -12.42 22.26 -5.60
N LYS B 153 -11.75 22.83 -6.61
CA LYS B 153 -11.91 22.36 -8.01
C LYS B 153 -11.26 20.97 -8.16
N GLY B 154 -10.30 20.64 -7.30
CA GLY B 154 -9.58 19.35 -7.38
C GLY B 154 -8.89 19.19 -8.73
N GLY B 155 -8.76 17.95 -9.18
CA GLY B 155 -8.18 17.63 -10.50
C GLY B 155 -8.89 16.47 -11.13
N VAL B 156 -8.45 16.09 -12.33
CA VAL B 156 -9.03 14.95 -13.07
C VAL B 156 -7.90 13.97 -13.39
N PHE B 157 -8.27 12.70 -13.54
CA PHE B 157 -7.38 11.66 -14.08
C PHE B 157 -7.43 11.71 -15.60
N ASP B 158 -6.41 11.12 -16.20
CA ASP B 158 -6.30 10.93 -17.68
C ASP B 158 -6.01 9.44 -17.90
N ASN B 159 -6.29 8.92 -19.09
CA ASN B 159 -5.94 7.53 -19.47
C ASN B 159 -4.65 7.51 -20.29
N ALA B 160 -3.97 8.65 -20.42
CA ALA B 160 -2.70 8.77 -21.17
C ALA B 160 -1.68 9.51 -20.30
N TYR B 161 -0.41 9.14 -20.44
CA TYR B 161 0.75 9.80 -19.81
C TYR B 161 1.58 10.44 -20.91
N ASN B 162 1.65 11.76 -20.91
CA ASN B 162 2.38 12.58 -21.91
C ASN B 162 3.27 13.55 -21.16
N PRO B 163 4.44 13.10 -20.64
CA PRO B 163 5.31 13.98 -19.86
C PRO B 163 5.86 15.10 -20.76
N SER B 164 6.11 16.27 -20.19
CA SER B 164 6.48 17.51 -20.91
C SER B 164 7.91 17.39 -21.47
N ALA B 165 8.17 18.02 -22.62
CA ALA B 165 9.51 18.20 -23.21
C ALA B 165 10.40 18.96 -22.21
N GLU B 166 9.91 20.10 -21.70
CA GLU B 166 10.64 21.04 -20.80
C GLU B 166 10.20 20.76 -19.36
N ALA B 167 11.16 20.66 -18.42
CA ALA B 167 10.93 20.44 -16.97
C ALA B 167 9.91 21.47 -16.42
N SER B 168 10.03 22.74 -16.83
CA SER B 168 9.17 23.87 -16.37
C SER B 168 7.70 23.66 -16.76
N GLU B 169 7.41 22.88 -17.81
CA GLU B 169 6.02 22.66 -18.32
C GLU B 169 5.36 21.42 -17.67
N GLY B 170 6.11 20.62 -16.89
CA GLY B 170 5.66 19.34 -16.34
C GLY B 170 5.54 19.33 -14.83
N ARG B 171 5.38 20.50 -14.19
CA ARG B 171 5.36 20.67 -12.72
C ARG B 171 3.93 20.46 -12.18
N LYS B 172 3.25 19.46 -12.72
CA LYS B 172 1.88 19.07 -12.32
C LYS B 172 1.85 17.55 -12.18
N PHE B 173 0.78 17.03 -11.63
CA PHE B 173 0.62 15.58 -11.43
C PHE B 173 0.35 14.91 -12.78
N ALA B 174 0.98 13.75 -13.01
CA ALA B 174 0.62 12.78 -14.06
C ALA B 174 -0.43 11.86 -13.46
N ALA B 175 -1.68 12.32 -13.43
CA ALA B 175 -2.81 11.61 -12.78
C ALA B 175 -3.31 10.51 -13.73
N LEU B 176 -2.48 9.47 -13.91
CA LEU B 176 -2.79 8.35 -14.83
C LEU B 176 -3.71 7.37 -14.09
N ASP B 177 -4.94 7.19 -14.59
CA ASP B 177 -6.04 6.49 -13.89
C ASP B 177 -5.62 5.09 -13.44
N TYR B 178 -5.14 4.23 -14.34
CA TYR B 178 -4.94 2.79 -14.02
C TYR B 178 -3.74 2.60 -13.08
N LEU B 179 -2.86 3.60 -12.96
CA LEU B 179 -1.74 3.57 -11.98
C LEU B 179 -2.06 4.46 -10.77
N LEU B 180 -3.31 4.90 -10.62
CA LEU B 180 -3.79 5.71 -9.47
C LEU B 180 -2.94 6.97 -9.33
N GLY B 181 -2.35 7.45 -10.44
CA GLY B 181 -1.45 8.61 -10.48
C GLY B 181 -0.19 8.44 -9.65
N CYS B 182 0.20 7.21 -9.27
CA CYS B 182 1.33 7.03 -8.33
C CYS B 182 2.07 5.68 -8.48
N GLY B 183 1.90 4.96 -9.59
CA GLY B 183 2.73 3.79 -9.93
C GLY B 183 2.26 2.51 -9.26
N VAL B 184 0.99 2.44 -8.84
CA VAL B 184 0.38 1.20 -8.27
C VAL B 184 -0.88 0.90 -9.10
N LEU B 185 -1.35 -0.34 -9.13
CA LEU B 185 -2.53 -0.67 -9.96
C LEU B 185 -3.82 -0.27 -9.24
N ALA B 186 -4.70 0.44 -9.96
CA ALA B 186 -5.96 1.02 -9.42
C ALA B 186 -6.83 -0.08 -8.82
N GLY B 187 -6.77 -1.30 -9.36
CA GLY B 187 -7.55 -2.45 -8.86
C GLY B 187 -7.25 -2.76 -7.39
N ASN B 188 -6.11 -2.30 -6.88
CA ASN B 188 -5.68 -2.56 -5.47
C ASN B 188 -6.05 -1.38 -4.56
N ALA B 189 -6.72 -0.34 -5.07
CA ALA B 189 -7.10 0.85 -4.29
C ALA B 189 -8.06 0.48 -3.14
N PHE B 190 -8.68 -0.70 -3.20
CA PHE B 190 -9.66 -1.19 -2.19
C PHE B 190 -8.98 -1.49 -0.84
N VAL B 191 -7.64 -1.50 -0.78
CA VAL B 191 -6.92 -1.60 0.53
C VAL B 191 -7.11 -0.29 1.31
N TYR B 192 -7.49 0.78 0.61
CA TYR B 192 -7.80 2.08 1.25
C TYR B 192 -9.27 2.09 1.64
N PRO B 193 -9.64 2.80 2.72
CA PRO B 193 -11.03 3.00 3.09
C PRO B 193 -11.83 3.48 1.88
N HIS B 194 -12.96 2.83 1.59
CA HIS B 194 -13.69 3.11 0.33
C HIS B 194 -15.16 2.72 0.46
N GLN B 195 -15.97 3.29 -0.43
CA GLN B 195 -17.28 2.72 -0.80
C GLN B 195 -17.36 2.75 -2.33
N ILE B 196 -18.37 2.09 -2.87
CA ILE B 196 -18.69 2.16 -4.33
C ILE B 196 -20.08 2.77 -4.43
N ILE B 197 -20.24 3.73 -5.34
CA ILE B 197 -21.59 4.19 -5.80
C ILE B 197 -21.88 3.42 -7.08
N ASN B 198 -22.68 2.37 -6.95
CA ASN B 198 -23.16 1.53 -8.06
C ASN B 198 -24.60 1.99 -8.30
N LEU B 199 -24.87 2.63 -9.45
CA LEU B 199 -26.13 3.40 -9.64
C LEU B 199 -27.36 2.51 -9.42
N ARG B 200 -27.28 1.21 -9.70
CA ARG B 200 -28.44 0.31 -9.47
C ARG B 200 -28.71 0.11 -7.97
N THR B 201 -27.73 0.36 -7.09
CA THR B 201 -27.79 0.03 -5.64
C THR B 201 -27.94 1.31 -4.80
N ASN B 202 -27.10 2.31 -5.03
CA ASN B 202 -26.94 3.43 -4.08
C ASN B 202 -26.64 4.72 -4.85
N ASN B 203 -26.94 5.85 -4.22
CA ASN B 203 -26.76 7.20 -4.81
C ASN B 203 -25.78 8.01 -3.96
N SER B 204 -25.15 7.41 -2.95
CA SER B 204 -24.22 8.15 -2.06
C SER B 204 -23.20 7.21 -1.43
N ALA B 205 -22.06 7.78 -1.07
CA ALA B 205 -20.98 7.16 -0.29
C ALA B 205 -20.71 8.06 0.92
N THR B 206 -20.54 7.46 2.09
CA THR B 206 -20.20 8.17 3.35
C THR B 206 -18.96 7.51 3.93
N LEU B 207 -17.90 8.30 4.11
CA LEU B 207 -16.63 7.88 4.76
C LEU B 207 -16.39 8.83 5.94
N VAL B 208 -16.26 8.28 7.14
CA VAL B 208 -15.83 9.04 8.35
C VAL B 208 -14.33 8.74 8.54
N LEU B 209 -13.51 9.79 8.54
CA LEU B 209 -12.03 9.69 8.54
C LEU B 209 -11.51 10.24 9.86
N PRO B 210 -10.69 9.48 10.60
CA PRO B 210 -9.96 10.04 11.74
C PRO B 210 -8.79 10.84 11.15
N TYR B 211 -8.18 11.69 11.96
CA TYR B 211 -6.87 12.29 11.60
C TYR B 211 -5.88 11.13 11.42
N VAL B 212 -5.13 11.15 10.32
CA VAL B 212 -4.08 10.14 10.05
C VAL B 212 -2.80 10.88 9.69
N ASN B 213 -1.73 10.59 10.42
CA ASN B 213 -0.40 11.22 10.23
C ASN B 213 0.58 10.45 11.13
N SER B 214 1.87 10.67 10.93
CA SER B 214 2.96 10.16 11.80
C SER B 214 3.19 11.14 12.98
N LEU B 215 2.38 12.20 13.08
CA LEU B 215 2.44 13.26 14.11
C LEU B 215 1.04 13.48 14.68
N ALA B 216 0.97 14.01 15.89
CA ALA B 216 -0.28 14.42 16.55
C ALA B 216 -0.93 15.57 15.78
N ILE B 217 -0.12 16.50 15.25
CA ILE B 217 -0.65 17.73 14.59
C ILE B 217 0.42 18.25 13.63
N ASP B 218 0.01 18.93 12.56
CA ASP B 218 0.94 19.27 11.46
C ASP B 218 0.50 20.56 10.79
N CYS B 219 1.33 21.02 9.84
CA CYS B 219 1.08 22.26 9.08
CA CYS B 219 1.10 22.25 9.06
C CYS B 219 0.15 21.96 7.90
N MET B 220 -1.13 22.31 8.07
CA MET B 220 -2.19 22.06 7.06
C MET B 220 -1.86 22.72 5.72
N ALA B 221 -1.24 23.92 5.74
CA ALA B 221 -0.90 24.66 4.51
C ALA B 221 0.26 23.98 3.77
N LYS B 222 1.07 23.15 4.43
CA LYS B 222 2.24 22.44 3.82
C LYS B 222 1.84 21.04 3.36
N HIS B 223 0.89 20.40 4.06
CA HIS B 223 0.74 18.93 4.07
C HIS B 223 -0.73 18.53 4.01
N ASN B 224 -1.11 17.76 2.99
CA ASN B 224 -2.44 17.13 2.87
C ASN B 224 -2.37 15.73 3.48
N ASN B 225 -3.25 15.44 4.44
CA ASN B 225 -3.29 14.16 5.17
C ASN B 225 -3.97 13.08 4.31
N TRP B 226 -5.01 13.46 3.56
CA TRP B 226 -5.85 12.53 2.79
C TRP B 226 -5.97 12.99 1.33
N GLY B 227 -5.98 12.03 0.42
CA GLY B 227 -6.53 12.18 -0.93
C GLY B 227 -7.92 11.61 -0.99
N LEU B 228 -8.82 12.25 -1.74
CA LEU B 228 -10.14 11.69 -2.09
C LEU B 228 -10.10 11.39 -3.59
N VAL B 229 -10.28 10.12 -3.95
CA VAL B 229 -10.25 9.67 -5.37
C VAL B 229 -11.63 9.13 -5.71
N ILE B 230 -12.20 9.59 -6.81
CA ILE B 230 -13.44 9.04 -7.41
C ILE B 230 -13.07 8.54 -8.80
N LEU B 231 -13.10 7.21 -9.00
CA LEU B 231 -12.77 6.55 -10.28
C LEU B 231 -14.03 5.88 -10.81
N PRO B 232 -14.43 6.12 -12.08
CA PRO B 232 -15.45 5.30 -12.72
C PRO B 232 -14.87 3.90 -12.95
N LEU B 233 -15.30 2.93 -12.16
CA LEU B 233 -14.87 1.52 -12.31
C LEU B 233 -15.62 0.91 -13.50
N CYS B 234 -16.91 1.25 -13.63
CA CYS B 234 -17.75 0.89 -14.80
C CYS B 234 -18.32 2.19 -15.36
N LYS B 235 -18.16 2.41 -16.66
CA LYS B 235 -18.48 3.70 -17.31
C LYS B 235 -19.99 3.97 -17.16
N LEU B 236 -20.34 5.25 -17.09
CA LEU B 236 -21.73 5.72 -17.15
C LEU B 236 -22.32 5.27 -18.49
N ASP B 237 -23.48 4.63 -18.45
CA ASP B 237 -24.22 4.26 -19.69
C ASP B 237 -25.70 4.51 -19.47
N TYR B 238 -26.33 5.06 -20.50
CA TYR B 238 -27.76 5.42 -20.54
C TYR B 238 -28.18 5.27 -21.99
N ALA B 239 -29.05 4.31 -22.29
CA ALA B 239 -29.37 3.86 -23.67
C ALA B 239 -29.97 5.02 -24.48
N PRO B 240 -30.94 5.81 -23.96
CA PRO B 240 -31.52 6.90 -24.76
C PRO B 240 -30.54 8.03 -25.13
N ASN B 241 -29.43 8.18 -24.42
CA ASN B 241 -28.44 9.26 -24.69
C ASN B 241 -27.10 8.89 -24.05
N SER B 242 -26.21 8.26 -24.82
CA SER B 242 -24.85 7.84 -24.41
C SER B 242 -23.99 9.04 -24.01
N SER B 243 -24.33 10.25 -24.48
CA SER B 243 -23.61 11.51 -24.16
C SER B 243 -24.24 12.22 -22.95
N THR B 244 -25.13 11.59 -22.19
CA THR B 244 -25.74 12.21 -20.99
C THR B 244 -24.65 12.46 -19.93
N GLU B 245 -24.88 13.43 -19.06
CA GLU B 245 -23.99 13.77 -17.93
C GLU B 245 -24.83 13.75 -16.66
N ILE B 246 -24.29 13.19 -15.57
CA ILE B 246 -24.93 13.29 -14.25
C ILE B 246 -23.92 13.91 -13.28
N PRO B 247 -24.37 14.81 -12.40
CA PRO B 247 -23.46 15.46 -11.45
C PRO B 247 -22.97 14.48 -10.40
N ILE B 248 -21.73 14.70 -9.96
CA ILE B 248 -21.18 14.16 -8.69
C ILE B 248 -20.94 15.37 -7.80
N THR B 249 -21.51 15.34 -6.59
CA THR B 249 -21.36 16.43 -5.61
C THR B 249 -20.65 15.87 -4.38
N VAL B 250 -19.60 16.57 -3.95
CA VAL B 250 -18.77 16.21 -2.79
C VAL B 250 -19.07 17.21 -1.69
N THR B 251 -19.49 16.71 -0.53
CA THR B 251 -19.79 17.51 0.67
C THR B 251 -18.95 16.94 1.81
N ILE B 252 -18.16 17.79 2.46
CA ILE B 252 -17.16 17.35 3.48
C ILE B 252 -17.31 18.23 4.71
N ALA B 253 -17.39 17.59 5.89
CA ALA B 253 -17.40 18.26 7.20
C ALA B 253 -16.11 17.93 7.92
N PRO B 254 -15.28 18.94 8.28
CA PRO B 254 -14.24 18.76 9.29
C PRO B 254 -14.88 18.29 10.60
N MET B 255 -14.13 17.55 11.40
CA MET B 255 -14.60 17.01 12.70
C MET B 255 -13.44 17.08 13.70
N PHE B 256 -13.74 17.42 14.95
CA PHE B 256 -12.74 17.42 16.05
C PHE B 256 -11.52 18.23 15.62
N THR B 257 -11.77 19.41 15.03
CA THR B 257 -10.69 20.31 14.57
C THR B 257 -10.02 20.95 15.79
N GLU B 258 -8.72 21.09 15.71
CA GLU B 258 -7.88 21.63 16.79
C GLU B 258 -6.70 22.33 16.12
N PHE B 259 -6.40 23.55 16.53
CA PHE B 259 -5.37 24.42 15.91
C PHE B 259 -4.45 24.96 17.00
N ASN B 260 -3.16 25.06 16.67
CA ASN B 260 -2.11 25.59 17.57
C ASN B 260 -1.24 26.57 16.78
N GLY B 261 -0.58 27.49 17.49
CA GLY B 261 0.40 28.39 16.87
C GLY B 261 -0.27 29.51 16.12
N LEU B 262 -1.11 30.29 16.81
CA LEU B 262 -1.82 31.46 16.25
C LEU B 262 -0.81 32.55 15.88
N ARG B 263 -0.99 33.18 14.72
CA ARG B 263 -0.24 34.41 14.37
C ARG B 263 -1.05 35.16 13.30
N ASN B 264 -0.37 35.95 12.46
CA ASN B 264 -0.97 36.59 11.28
C ASN B 264 -1.39 35.50 10.29
N ILE B 265 -2.27 35.85 9.34
CA ILE B 265 -2.87 34.87 8.42
C ILE B 265 -1.85 34.45 7.35
N THR B 266 -1.80 33.16 7.07
CA THR B 266 -1.09 32.56 5.91
C THR B 266 -1.86 32.91 4.63
N VAL B 267 -1.16 33.50 3.66
CA VAL B 267 -1.71 33.76 2.30
C VAL B 267 -0.77 33.08 1.30
N PRO B 268 -1.10 31.84 0.88
CA PRO B 268 -0.22 31.11 -0.04
C PRO B 268 -0.13 31.77 -1.41
N ALA B 269 0.98 31.52 -2.11
CA ALA B 269 1.21 31.92 -3.52
C ALA B 269 0.09 31.35 -4.39
N THR B 270 -0.32 32.09 -5.42
CA THR B 270 -1.39 31.71 -6.39
C THR B 270 -0.82 31.48 -7.80
N GLN B 271 0.48 31.74 -8.02
CA GLN B 271 1.17 31.52 -9.33
C GLN B 271 2.59 31.00 -9.10
N GLY C 1 41.70 -16.75 29.86
CA GLY C 1 40.31 -16.69 29.30
C GLY C 1 39.56 -18.01 29.44
N LEU C 2 38.24 -17.95 29.42
CA LEU C 2 37.36 -19.14 29.33
C LEU C 2 37.73 -19.90 28.06
N PRO C 3 38.18 -21.18 28.13
CA PRO C 3 38.47 -21.93 26.92
C PRO C 3 37.23 -22.11 26.04
N THR C 4 37.33 -21.67 24.78
CA THR C 4 36.26 -21.74 23.77
C THR C 4 36.82 -22.37 22.50
N MET C 5 35.93 -22.80 21.61
CA MET C 5 36.31 -23.45 20.34
C MET C 5 35.32 -23.03 19.26
N LEU C 6 35.79 -22.35 18.22
CA LEU C 6 34.91 -21.83 17.14
C LEU C 6 34.38 -23.00 16.33
N THR C 7 33.09 -22.95 16.01
CA THR C 7 32.36 -23.97 15.22
C THR C 7 32.18 -23.47 13.80
N PRO C 8 31.80 -24.35 12.85
CA PRO C 8 31.38 -23.89 11.52
C PRO C 8 30.28 -22.83 11.64
N GLY C 9 30.29 -21.89 10.68
CA GLY C 9 29.42 -20.71 10.68
C GLY C 9 30.14 -19.48 11.20
N SER C 10 31.23 -19.65 11.96
CA SER C 10 31.96 -18.53 12.62
CA SER C 10 31.96 -18.54 12.61
C SER C 10 32.34 -17.48 11.57
N SER C 11 31.96 -16.22 11.83
CA SER C 11 32.28 -15.00 11.05
C SER C 11 31.42 -14.85 9.79
N GLN C 12 30.49 -15.78 9.51
CA GLN C 12 29.62 -15.67 8.31
C GLN C 12 28.60 -14.54 8.54
N PHE C 13 28.09 -13.96 7.46
CA PHE C 13 26.94 -13.03 7.49
C PHE C 13 25.78 -13.71 6.75
N LEU C 14 24.90 -14.34 7.53
CA LEU C 14 23.62 -14.91 7.05
C LEU C 14 22.57 -13.80 7.13
N THR C 15 21.93 -13.45 6.00
CA THR C 15 21.03 -12.26 5.93
C THR C 15 19.73 -12.52 6.69
N SER C 16 19.43 -13.77 7.04
CA SER C 16 18.25 -14.16 7.85
C SER C 16 18.68 -14.49 9.28
N ASP C 17 19.90 -14.12 9.70
CA ASP C 17 20.36 -14.34 11.11
C ASP C 17 19.53 -13.44 12.03
N ASP C 18 19.60 -13.72 13.33
CA ASP C 18 18.82 -12.99 14.35
C ASP C 18 19.67 -12.85 15.61
N PHE C 19 20.66 -11.97 15.55
CA PHE C 19 21.63 -11.75 16.64
C PHE C 19 21.48 -10.33 17.17
N GLN C 20 21.97 -10.16 18.39
CA GLN C 20 22.17 -8.84 19.02
C GLN C 20 23.37 -8.18 18.37
N SER C 21 23.44 -6.85 18.44
CA SER C 21 24.60 -6.07 17.97
C SER C 21 24.67 -4.77 18.76
N PRO C 22 25.88 -4.20 18.93
CA PRO C 22 26.04 -2.97 19.70
C PRO C 22 25.30 -1.81 19.00
N CYS C 23 24.73 -0.93 19.81
CA CYS C 23 23.99 0.25 19.34
C CYS C 23 24.98 1.39 19.06
N ALA C 24 24.90 1.98 17.87
CA ALA C 24 25.78 3.10 17.44
C ALA C 24 25.41 4.39 18.17
N LEU C 25 24.17 4.49 18.69
CA LEU C 25 23.65 5.70 19.39
C LEU C 25 23.17 5.28 20.77
N PRO C 26 24.10 4.95 21.70
CA PRO C 26 23.71 4.50 23.04
C PRO C 26 22.95 5.59 23.81
N ASN C 27 22.02 5.15 24.67
CA ASN C 27 21.32 6.09 25.59
CA ASN C 27 21.12 5.91 25.59
C ASN C 27 20.37 7.00 24.81
N PHE C 28 20.03 6.67 23.56
CA PHE C 28 19.19 7.52 22.68
C PHE C 28 17.73 7.43 23.16
N ASP C 29 17.07 8.59 23.25
CA ASP C 29 15.67 8.74 23.72
C ASP C 29 14.74 8.76 22.50
N VAL C 30 14.12 7.62 22.15
CA VAL C 30 13.24 7.52 20.96
C VAL C 30 12.04 8.44 21.16
N THR C 31 11.48 8.95 20.06
CA THR C 31 10.24 9.76 20.09
C THR C 31 9.16 8.89 20.72
N PRO C 32 8.40 9.38 21.71
CA PRO C 32 7.32 8.59 22.31
C PRO C 32 6.33 8.14 21.23
N PRO C 33 5.81 6.89 21.34
CA PRO C 33 4.78 6.45 20.40
C PRO C 33 3.45 7.18 20.70
N ILE C 34 2.66 7.38 19.66
CA ILE C 34 1.22 7.77 19.79
C ILE C 34 0.40 6.76 18.99
N HIS C 35 -0.89 6.71 19.27
CA HIS C 35 -1.84 5.87 18.51
C HIS C 35 -1.97 6.44 17.10
N ILE C 36 -1.73 5.62 16.09
CA ILE C 36 -1.98 5.96 14.66
C ILE C 36 -3.03 4.96 14.18
N PRO C 37 -4.09 5.42 13.47
CA PRO C 37 -5.06 4.48 12.91
C PRO C 37 -4.41 3.56 11.87
N GLY C 38 -4.99 2.37 11.70
CA GLY C 38 -4.67 1.47 10.58
C GLY C 38 -3.45 0.62 10.82
N GLU C 39 -3.13 0.29 12.09
CA GLU C 39 -1.96 -0.59 12.37
C GLU C 39 -2.20 -1.96 11.74
N VAL C 40 -1.16 -2.50 11.11
CA VAL C 40 -1.13 -3.85 10.49
C VAL C 40 -0.18 -4.71 11.32
N PHE C 41 -0.56 -5.96 11.60
CA PHE C 41 0.27 -6.94 12.34
C PHE C 41 0.75 -8.07 11.43
N ASN C 42 0.00 -8.39 10.38
CA ASN C 42 0.23 -9.60 9.57
C ASN C 42 -0.10 -9.30 8.10
N MET C 43 0.75 -9.73 7.18
CA MET C 43 0.51 -9.53 5.72
C MET C 43 -0.78 -10.27 5.31
N MET C 44 -1.20 -11.31 6.05
CA MET C 44 -2.44 -12.05 5.71
CA MET C 44 -2.44 -12.05 5.71
C MET C 44 -3.69 -11.20 6.02
N GLU C 45 -3.58 -10.21 6.90
CA GLU C 45 -4.68 -9.22 7.08
C GLU C 45 -4.94 -8.52 5.75
N LEU C 46 -3.88 -8.17 5.03
CA LEU C 46 -3.98 -7.47 3.72
C LEU C 46 -4.51 -8.43 2.66
N ALA C 47 -4.14 -9.71 2.72
CA ALA C 47 -4.57 -10.75 1.76
C ALA C 47 -6.09 -10.98 1.87
N GLU C 48 -6.70 -10.69 3.02
CA GLU C 48 -8.17 -10.89 3.24
C GLU C 48 -8.99 -9.73 2.67
N ILE C 49 -8.34 -8.64 2.22
CA ILE C 49 -9.03 -7.48 1.60
C ILE C 49 -9.34 -7.82 0.15
N ASP C 50 -10.56 -7.56 -0.31
CA ASP C 50 -10.94 -7.71 -1.74
C ASP C 50 -10.11 -6.73 -2.58
N SER C 51 -9.52 -7.22 -3.67
CA SER C 51 -8.97 -6.36 -4.75
C SER C 51 -9.50 -6.87 -6.08
N MET C 52 -9.55 -5.97 -7.05
CA MET C 52 -10.22 -6.21 -8.35
C MET C 52 -9.31 -7.05 -9.24
N ILE C 53 -9.84 -8.13 -9.82
CA ILE C 53 -9.10 -8.95 -10.81
C ILE C 53 -9.15 -8.20 -12.14
N PRO C 54 -8.00 -7.98 -12.82
CA PRO C 54 -7.98 -7.45 -14.19
C PRO C 54 -8.41 -8.56 -15.16
N MET C 55 -9.69 -8.94 -15.08
CA MET C 55 -10.20 -10.17 -15.72
C MET C 55 -10.19 -9.99 -17.24
N ASN C 56 -10.42 -8.76 -17.72
CA ASN C 56 -10.52 -8.48 -19.18
C ASN C 56 -9.23 -7.83 -19.69
N SER C 57 -8.08 -8.35 -19.28
CA SER C 57 -6.74 -7.84 -19.69
CA SER C 57 -6.74 -7.84 -19.68
C SER C 57 -6.39 -8.37 -21.09
N VAL C 58 -7.28 -8.19 -22.06
CA VAL C 58 -7.09 -8.63 -23.47
C VAL C 58 -6.38 -7.50 -24.22
N THR C 59 -5.91 -7.76 -25.44
CA THR C 59 -5.25 -6.74 -26.30
C THR C 59 -6.15 -5.52 -26.41
N GLY C 60 -5.60 -4.32 -26.15
CA GLY C 60 -6.34 -3.05 -26.20
C GLY C 60 -6.95 -2.69 -24.85
N LYS C 61 -7.04 -3.62 -23.89
CA LYS C 61 -7.65 -3.36 -22.55
C LYS C 61 -6.61 -3.53 -21.44
N ALA C 62 -5.66 -4.46 -21.58
CA ALA C 62 -4.52 -4.62 -20.63
C ALA C 62 -3.89 -3.25 -20.39
N ASN C 63 -3.59 -2.93 -19.13
CA ASN C 63 -2.87 -1.68 -18.75
C ASN C 63 -3.74 -0.46 -19.09
N THR C 64 -5.05 -0.60 -18.93
CA THR C 64 -6.05 0.49 -18.97
C THR C 64 -7.09 0.19 -17.88
N MET C 65 -7.89 1.16 -17.49
CA MET C 65 -8.98 0.90 -16.51
C MET C 65 -9.98 -0.12 -17.06
N GLU C 66 -10.05 -0.28 -18.40
CA GLU C 66 -11.00 -1.23 -19.05
C GLU C 66 -10.52 -2.69 -18.90
N MET C 67 -9.36 -2.94 -18.28
CA MET C 67 -8.91 -4.34 -18.01
C MET C 67 -9.76 -4.99 -16.91
N TYR C 68 -10.44 -4.20 -16.06
CA TYR C 68 -11.17 -4.73 -14.87
C TYR C 68 -12.59 -5.17 -15.22
N PRO C 69 -13.45 -4.34 -15.85
CA PRO C 69 -14.85 -4.71 -16.05
C PRO C 69 -15.03 -5.91 -16.97
N ILE C 70 -15.82 -6.88 -16.52
CA ILE C 70 -16.12 -8.13 -17.26
C ILE C 70 -17.36 -7.88 -18.12
N PRO C 71 -17.25 -7.92 -19.47
CA PRO C 71 -18.41 -7.69 -20.33
C PRO C 71 -19.53 -8.70 -20.12
N LEU C 72 -20.75 -8.17 -19.98
CA LEU C 72 -22.03 -8.92 -19.92
C LEU C 72 -22.96 -8.32 -20.96
N ASP C 73 -23.94 -9.09 -21.43
CA ASP C 73 -25.00 -8.55 -22.30
C ASP C 73 -26.26 -9.38 -22.12
N ASP C 74 -27.32 -9.02 -22.84
CA ASP C 74 -28.65 -9.66 -22.70
C ASP C 74 -28.86 -10.73 -23.79
N LYS C 75 -27.80 -11.23 -24.45
CA LYS C 75 -27.94 -12.14 -25.62
C LYS C 75 -28.00 -13.61 -25.21
N GLY C 76 -27.60 -13.97 -23.98
CA GLY C 76 -27.73 -15.34 -23.47
C GLY C 76 -26.86 -16.35 -24.22
N SER C 77 -25.67 -15.96 -24.65
CA SER C 77 -24.68 -16.87 -25.29
C SER C 77 -24.38 -18.05 -24.35
N ALA C 78 -24.14 -19.24 -24.91
CA ALA C 78 -23.73 -20.46 -24.17
C ALA C 78 -22.22 -20.45 -23.91
N THR C 79 -21.48 -19.51 -24.50
CA THR C 79 -20.01 -19.43 -24.33
C THR C 79 -19.72 -18.91 -22.93
N PRO C 80 -18.60 -19.31 -22.30
CA PRO C 80 -18.26 -18.81 -20.97
C PRO C 80 -18.06 -17.29 -21.00
N ILE C 81 -18.44 -16.62 -19.91
CA ILE C 81 -18.31 -15.16 -19.72
C ILE C 81 -16.84 -14.83 -19.39
N PHE C 82 -16.21 -15.64 -18.54
CA PHE C 82 -14.75 -15.60 -18.28
C PHE C 82 -14.33 -16.99 -17.82
N SER C 83 -13.04 -17.28 -17.96
CA SER C 83 -12.39 -18.54 -17.54
C SER C 83 -11.00 -18.20 -17.04
N ILE C 84 -10.62 -18.71 -15.87
CA ILE C 84 -9.30 -18.41 -15.27
C ILE C 84 -8.87 -19.61 -14.43
N SER C 85 -7.57 -19.92 -14.42
CA SER C 85 -6.96 -21.00 -13.61
C SER C 85 -6.78 -20.51 -12.17
N LEU C 86 -6.96 -21.41 -11.20
CA LEU C 86 -6.70 -21.12 -9.78
C LEU C 86 -5.19 -21.21 -9.54
N SER C 87 -4.47 -20.20 -10.01
CA SER C 87 -3.01 -20.02 -9.90
C SER C 87 -2.79 -18.60 -9.39
N PRO C 88 -3.09 -18.32 -8.10
CA PRO C 88 -3.22 -16.95 -7.63
C PRO C 88 -1.92 -16.13 -7.60
N ALA C 89 -0.75 -16.78 -7.62
CA ALA C 89 0.57 -16.11 -7.63
C ALA C 89 1.07 -15.90 -9.07
N SER C 90 0.79 -16.83 -9.98
CA SER C 90 1.49 -16.95 -11.28
C SER C 90 0.59 -16.56 -12.46
N ASP C 91 -0.73 -16.64 -12.32
CA ASP C 91 -1.64 -16.35 -13.45
C ASP C 91 -1.44 -14.89 -13.89
N LYS C 92 -1.48 -14.63 -15.20
CA LYS C 92 -1.24 -13.29 -15.80
C LYS C 92 -2.26 -12.28 -15.27
N ARG C 93 -3.44 -12.72 -14.84
CA ARG C 93 -4.50 -11.82 -14.33
C ARG C 93 -4.54 -11.82 -12.79
N LEU C 94 -4.17 -12.89 -12.10
CA LEU C 94 -4.24 -12.89 -10.61
C LEU C 94 -2.95 -12.33 -9.98
N GLN C 95 -1.80 -12.40 -10.66
CA GLN C 95 -0.48 -12.08 -10.06
CA GLN C 95 -0.49 -12.08 -10.03
C GLN C 95 -0.43 -10.62 -9.58
N TYR C 96 -1.19 -9.71 -10.21
CA TYR C 96 -1.13 -8.25 -9.91
C TYR C 96 -2.26 -7.80 -8.98
N THR C 97 -3.12 -8.70 -8.51
CA THR C 97 -4.09 -8.41 -7.42
C THR C 97 -3.28 -8.22 -6.14
N MET C 98 -3.90 -7.64 -5.12
CA MET C 98 -3.23 -7.45 -3.80
C MET C 98 -2.81 -8.83 -3.25
N LEU C 99 -3.71 -9.82 -3.34
CA LEU C 99 -3.39 -11.20 -2.89
C LEU C 99 -2.21 -11.74 -3.71
N GLY C 100 -2.27 -11.62 -5.03
CA GLY C 100 -1.19 -12.08 -5.93
C GLY C 100 0.15 -11.46 -5.56
N GLU C 101 0.16 -10.15 -5.26
CA GLU C 101 1.42 -9.41 -4.95
C GLU C 101 2.01 -9.94 -3.64
N ILE C 102 1.17 -10.20 -2.64
CA ILE C 102 1.62 -10.74 -1.33
C ILE C 102 2.14 -12.17 -1.55
N LEU C 103 1.43 -13.00 -2.32
CA LEU C 103 1.84 -14.42 -2.57
C LEU C 103 3.20 -14.47 -3.26
N ASN C 104 3.58 -13.45 -4.04
CA ASN C 104 4.85 -13.45 -4.79
C ASN C 104 6.04 -13.09 -3.87
N TYR C 105 5.81 -12.83 -2.58
CA TYR C 105 6.87 -12.78 -1.54
C TYR C 105 6.96 -14.12 -0.79
N TYR C 106 6.19 -15.12 -1.18
CA TYR C 106 6.16 -16.45 -0.51
C TYR C 106 6.25 -17.56 -1.55
N THR C 107 6.69 -18.73 -1.11
CA THR C 107 6.91 -19.91 -1.98
C THR C 107 5.68 -20.81 -1.93
N HIS C 108 4.99 -20.85 -0.79
CA HIS C 108 3.92 -21.82 -0.48
C HIS C 108 2.68 -21.08 -0.01
N TRP C 109 1.50 -21.55 -0.44
CA TRP C 109 0.20 -21.03 0.04
C TRP C 109 -0.75 -22.19 0.30
N THR C 110 -1.69 -21.96 1.20
CA THR C 110 -2.75 -22.92 1.55
C THR C 110 -3.99 -22.15 1.94
N GLY C 111 -5.16 -22.73 1.70
CA GLY C 111 -6.46 -22.21 2.16
C GLY C 111 -7.39 -21.87 1.03
N SER C 112 -8.53 -21.31 1.41
CA SER C 112 -9.69 -21.09 0.52
C SER C 112 -9.60 -19.68 -0.05
N LEU C 113 -10.00 -19.53 -1.31
CA LEU C 113 -10.01 -18.24 -2.02
C LEU C 113 -11.46 -17.83 -2.24
N ARG C 114 -11.72 -16.55 -2.01
CA ARG C 114 -13.06 -15.94 -2.09
C ARG C 114 -13.10 -15.07 -3.34
N PHE C 115 -14.03 -15.33 -4.24
CA PHE C 115 -14.28 -14.53 -5.46
C PHE C 115 -15.64 -13.86 -5.30
N THR C 116 -15.64 -12.53 -5.20
CA THR C 116 -16.86 -11.73 -5.00
C THR C 116 -17.10 -10.92 -6.28
N PHE C 117 -18.34 -10.99 -6.77
CA PHE C 117 -18.74 -10.38 -8.07
C PHE C 117 -19.77 -9.30 -7.78
N LEU C 118 -19.55 -8.11 -8.34
CA LEU C 118 -20.47 -6.95 -8.23
C LEU C 118 -21.08 -6.71 -9.61
N PHE C 119 -22.40 -6.82 -9.71
CA PHE C 119 -23.13 -6.54 -10.97
C PHE C 119 -23.36 -5.03 -11.07
N CYS C 120 -22.96 -4.42 -12.19
CA CYS C 120 -23.00 -2.95 -12.39
C CYS C 120 -23.88 -2.56 -13.58
N GLY C 121 -24.84 -3.42 -13.95
CA GLY C 121 -25.93 -3.05 -14.88
C GLY C 121 -26.91 -2.10 -14.21
N SER C 122 -27.97 -1.74 -14.93
CA SER C 122 -29.06 -0.91 -14.38
C SER C 122 -29.88 -1.73 -13.38
N MET C 123 -30.65 -1.05 -12.53
CA MET C 123 -31.58 -1.72 -11.58
C MET C 123 -32.60 -2.53 -12.38
N MET C 124 -32.95 -2.12 -13.59
CA MET C 124 -33.99 -2.78 -14.42
C MET C 124 -33.46 -4.09 -15.05
N ALA C 125 -32.15 -4.34 -15.04
CA ALA C 125 -31.54 -5.59 -15.55
C ALA C 125 -31.72 -6.71 -14.53
N THR C 126 -32.19 -7.87 -14.98
CA THR C 126 -32.30 -9.11 -14.17
C THR C 126 -31.38 -10.16 -14.78
N GLY C 127 -31.15 -11.26 -14.06
CA GLY C 127 -30.35 -12.36 -14.62
C GLY C 127 -29.97 -13.37 -13.58
N LYS C 128 -29.60 -14.55 -14.06
CA LYS C 128 -29.00 -15.61 -13.21
C LYS C 128 -27.69 -16.02 -13.88
N ILE C 129 -26.64 -16.11 -13.08
CA ILE C 129 -25.26 -16.38 -13.52
C ILE C 129 -24.74 -17.56 -12.69
N LEU C 130 -24.14 -18.54 -13.37
CA LEU C 130 -23.47 -19.69 -12.72
C LEU C 130 -21.98 -19.38 -12.60
N LEU C 131 -21.44 -19.50 -11.39
CA LEU C 131 -20.01 -19.30 -11.07
C LEU C 131 -19.49 -20.65 -10.56
N SER C 132 -18.43 -21.19 -11.16
CA SER C 132 -17.99 -22.58 -10.91
CA SER C 132 -17.99 -22.58 -10.94
C SER C 132 -16.50 -22.63 -10.59
N TYR C 133 -16.14 -23.54 -9.69
CA TYR C 133 -14.74 -23.94 -9.41
C TYR C 133 -14.68 -25.45 -9.60
N SER C 134 -13.84 -25.89 -10.55
CA SER C 134 -13.63 -27.33 -10.88
C SER C 134 -12.23 -27.70 -10.42
N PRO C 135 -12.08 -28.50 -9.34
CA PRO C 135 -10.77 -29.01 -8.96
C PRO C 135 -10.13 -29.76 -10.13
N PRO C 136 -8.78 -29.77 -10.21
CA PRO C 136 -8.08 -30.18 -11.42
C PRO C 136 -8.13 -31.69 -11.72
N GLY C 137 -7.55 -32.05 -12.87
CA GLY C 137 -7.33 -33.45 -13.31
C GLY C 137 -8.35 -33.94 -14.32
N ALA C 138 -9.29 -33.09 -14.75
CA ALA C 138 -10.29 -33.44 -15.78
C ALA C 138 -10.30 -32.35 -16.87
N LYS C 139 -11.03 -32.61 -17.94
CA LYS C 139 -11.14 -31.66 -19.09
C LYS C 139 -11.54 -30.29 -18.52
N PRO C 140 -10.79 -29.21 -18.82
CA PRO C 140 -11.18 -27.87 -18.38
C PRO C 140 -12.58 -27.56 -18.92
N PRO C 141 -13.51 -27.05 -18.09
CA PRO C 141 -14.89 -26.85 -18.53
C PRO C 141 -15.01 -25.66 -19.49
N THR C 142 -15.64 -25.88 -20.65
CA THR C 142 -15.94 -24.83 -21.66
C THR C 142 -17.45 -24.75 -21.91
N THR C 143 -18.25 -25.56 -21.21
CA THR C 143 -19.73 -25.57 -21.33
C THR C 143 -20.32 -25.56 -19.92
N ARG C 144 -21.53 -25.01 -19.79
CA ARG C 144 -22.22 -24.94 -18.48
C ARG C 144 -22.44 -26.36 -17.93
N LYS C 145 -22.73 -27.34 -18.79
CA LYS C 145 -23.08 -28.69 -18.29
C LYS C 145 -21.84 -29.39 -17.70
N ASP C 146 -20.62 -29.01 -18.10
CA ASP C 146 -19.39 -29.50 -17.41
C ASP C 146 -19.12 -28.67 -16.16
N ALA C 147 -19.26 -27.34 -16.23
CA ALA C 147 -18.97 -26.41 -15.11
C ALA C 147 -19.85 -26.75 -13.91
N MET C 148 -21.13 -27.07 -14.14
CA MET C 148 -22.12 -27.26 -13.06
C MET C 148 -21.87 -28.59 -12.31
N LEU C 149 -20.98 -29.45 -12.81
CA LEU C 149 -20.60 -30.71 -12.09
C LEU C 149 -19.59 -30.42 -10.99
N GLY C 150 -18.94 -29.25 -11.02
CA GLY C 150 -17.97 -28.81 -10.00
C GLY C 150 -18.64 -28.04 -8.88
N THR C 151 -17.82 -27.45 -8.00
CA THR C 151 -18.29 -26.54 -6.94
C THR C 151 -18.86 -25.31 -7.64
N HIS C 152 -20.09 -24.91 -7.33
CA HIS C 152 -20.68 -23.77 -8.05
C HIS C 152 -21.77 -23.11 -7.24
N ILE C 153 -22.07 -21.87 -7.63
CA ILE C 153 -23.19 -21.09 -7.08
C ILE C 153 -23.95 -20.49 -8.24
N ILE C 154 -25.28 -20.52 -8.13
CA ILE C 154 -26.22 -19.80 -9.02
CA ILE C 154 -26.19 -19.79 -9.04
C ILE C 154 -26.54 -18.46 -8.36
N TRP C 155 -26.09 -17.38 -8.98
CA TRP C 155 -26.25 -15.99 -8.52
C TRP C 155 -27.49 -15.39 -9.17
N ASP C 156 -28.49 -15.04 -8.36
CA ASP C 156 -29.68 -14.28 -8.84
C ASP C 156 -29.37 -12.79 -8.67
N LEU C 157 -29.37 -12.04 -9.76
CA LEU C 157 -29.16 -10.57 -9.73
C LEU C 157 -30.38 -9.93 -9.05
N GLY C 158 -30.14 -8.97 -8.17
CA GLY C 158 -31.23 -8.30 -7.45
C GLY C 158 -30.72 -7.23 -6.52
N LEU C 159 -31.50 -6.92 -5.49
CA LEU C 159 -31.23 -5.80 -4.56
C LEU C 159 -29.85 -6.01 -3.92
N GLN C 160 -29.55 -7.24 -3.46
CA GLN C 160 -28.18 -7.58 -2.98
C GLN C 160 -27.29 -7.69 -4.23
N SER C 161 -26.35 -6.76 -4.37
CA SER C 161 -25.63 -6.44 -5.64
C SER C 161 -24.57 -7.49 -5.94
N SER C 162 -24.09 -8.20 -4.92
CA SER C 162 -22.81 -8.93 -4.94
C SER C 162 -23.04 -10.39 -4.56
N CYS C 163 -22.28 -11.28 -5.17
CA CYS C 163 -22.33 -12.73 -4.87
C CYS C 163 -20.90 -13.23 -4.66
N THR C 164 -20.73 -14.07 -3.65
CA THR C 164 -19.42 -14.68 -3.31
C THR C 164 -19.44 -16.16 -3.74
N MET C 165 -18.51 -16.54 -4.60
CA MET C 165 -18.18 -17.95 -4.91
C MET C 165 -16.88 -18.28 -4.18
N LEU C 166 -16.83 -19.43 -3.52
CA LEU C 166 -15.60 -19.92 -2.85
C LEU C 166 -14.93 -20.94 -3.75
N ALA C 167 -13.61 -20.85 -3.86
CA ALA C 167 -12.72 -21.97 -4.23
C ALA C 167 -12.24 -22.56 -2.92
N PRO C 168 -12.98 -23.54 -2.34
CA PRO C 168 -12.57 -24.12 -1.07
C PRO C 168 -11.21 -24.80 -1.26
N TRP C 169 -10.42 -24.86 -0.20
CA TRP C 169 -9.12 -25.58 -0.20
C TRP C 169 -9.37 -27.06 -0.51
N ILE C 170 -9.04 -27.46 -1.73
CA ILE C 170 -9.13 -28.86 -2.21
C ILE C 170 -7.82 -29.12 -2.94
N SER C 171 -6.90 -29.82 -2.30
CA SER C 171 -5.51 -30.00 -2.76
C SER C 171 -5.00 -31.36 -2.28
N ASN C 172 -4.13 -31.99 -3.08
CA ASN C 172 -3.37 -33.18 -2.63
C ASN C 172 -2.35 -32.72 -1.59
N THR C 173 -1.49 -31.77 -1.94
CA THR C 173 -0.42 -31.25 -1.06
C THR C 173 -1.05 -30.35 0.00
N VAL C 174 -0.36 -30.18 1.12
CA VAL C 174 -0.84 -29.33 2.25
C VAL C 174 -0.62 -27.85 1.86
N TYR C 175 0.38 -27.59 1.03
CA TYR C 175 0.62 -26.27 0.42
C TYR C 175 0.75 -26.42 -1.08
N ARG C 176 0.35 -25.39 -1.81
CA ARG C 176 0.64 -25.24 -3.26
C ARG C 176 1.82 -24.29 -3.40
N ARG C 177 2.49 -24.34 -4.55
CA ARG C 177 3.64 -23.45 -4.84
C ARG C 177 3.12 -22.18 -5.50
N CYS C 178 3.72 -21.04 -5.14
CA CYS C 178 3.43 -19.71 -5.72
C CYS C 178 4.16 -19.54 -7.06
N ILE C 179 4.05 -20.54 -7.93
CA ILE C 179 4.58 -20.56 -9.33
C ILE C 179 3.61 -21.38 -10.17
N LYS C 180 3.71 -21.26 -11.49
CA LYS C 180 3.02 -22.18 -12.42
C LYS C 180 3.65 -23.56 -12.26
N ASP C 181 2.85 -24.56 -11.89
CA ASP C 181 3.36 -25.89 -11.48
C ASP C 181 2.25 -26.92 -11.66
N ASP C 182 2.46 -27.93 -12.50
CA ASP C 182 1.45 -29.00 -12.76
C ASP C 182 1.09 -29.72 -11.46
N PHE C 183 2.09 -30.06 -10.64
CA PHE C 183 1.88 -30.87 -9.43
C PHE C 183 0.93 -30.17 -8.45
N THR C 184 1.03 -28.85 -8.33
CA THR C 184 0.21 -28.03 -7.39
C THR C 184 -0.79 -27.16 -8.17
N GLU C 185 -1.22 -27.60 -9.36
CA GLU C 185 -2.31 -26.93 -10.12
C GLU C 185 -3.57 -26.88 -9.23
N GLY C 186 -4.35 -25.81 -9.36
CA GLY C 186 -5.48 -25.50 -8.46
C GLY C 186 -6.84 -25.76 -9.10
N GLY C 187 -6.90 -25.90 -10.42
CA GLY C 187 -8.17 -26.12 -11.14
C GLY C 187 -8.68 -24.87 -11.83
N TYR C 188 -9.98 -24.84 -12.09
CA TYR C 188 -10.57 -23.99 -13.15
C TYR C 188 -11.76 -23.22 -12.59
N ILE C 189 -11.76 -21.91 -12.78
CA ILE C 189 -12.92 -21.03 -12.44
C ILE C 189 -13.54 -20.57 -13.75
N THR C 190 -14.85 -20.74 -13.90
CA THR C 190 -15.62 -20.39 -15.11
CA THR C 190 -15.55 -20.24 -15.10
C THR C 190 -16.95 -19.75 -14.72
N CYS C 191 -17.63 -19.21 -15.70
CA CYS C 191 -18.85 -18.41 -15.48
C CYS C 191 -19.71 -18.52 -16.73
N PHE C 192 -20.99 -18.84 -16.55
CA PHE C 192 -21.98 -18.99 -17.65
C PHE C 192 -23.26 -18.26 -17.26
N TYR C 193 -24.01 -17.83 -18.26
CA TYR C 193 -25.43 -17.44 -18.06
C TYR C 193 -26.19 -18.69 -17.63
N GLN C 194 -26.89 -18.61 -16.50
CA GLN C 194 -27.80 -19.68 -16.01
C GLN C 194 -29.14 -19.53 -16.74
N THR C 195 -29.67 -18.32 -16.81
CA THR C 195 -30.78 -17.94 -17.71
C THR C 195 -30.17 -17.02 -18.77
N ARG C 196 -30.50 -15.74 -18.74
CA ARG C 196 -29.77 -14.68 -19.47
C ARG C 196 -30.02 -13.39 -18.72
N ILE C 197 -29.24 -12.36 -19.01
CA ILE C 197 -29.58 -11.00 -18.54
C ILE C 197 -30.76 -10.53 -19.40
N VAL C 198 -31.80 -10.03 -18.75
CA VAL C 198 -33.00 -9.47 -19.43
C VAL C 198 -33.12 -8.01 -19.02
N VAL C 199 -33.37 -7.14 -19.99
CA VAL C 199 -33.65 -5.71 -19.74
C VAL C 199 -34.93 -5.35 -20.48
N PRO C 200 -35.68 -4.34 -19.99
CA PRO C 200 -36.78 -3.76 -20.76
C PRO C 200 -36.22 -2.74 -21.76
N SER C 201 -37.09 -2.08 -22.54
CA SER C 201 -36.67 -1.04 -23.51
C SER C 201 -36.12 0.18 -22.76
N GLY C 202 -35.32 1.01 -23.44
CA GLY C 202 -34.75 2.24 -22.86
C GLY C 202 -33.68 1.95 -21.82
N THR C 203 -33.06 0.76 -21.90
CA THR C 203 -32.08 0.25 -20.92
C THR C 203 -30.86 -0.28 -21.66
N PRO C 204 -29.62 -0.08 -21.16
CA PRO C 204 -28.44 -0.64 -21.83
C PRO C 204 -28.53 -2.17 -21.90
N THR C 205 -28.23 -2.75 -23.06
CA THR C 205 -28.28 -4.21 -23.33
C THR C 205 -26.91 -4.83 -23.11
N SER C 206 -25.87 -4.00 -22.94
CA SER C 206 -24.53 -4.47 -22.52
CA SER C 206 -24.49 -4.41 -22.56
C SER C 206 -24.13 -3.72 -21.25
N MET C 207 -23.40 -4.39 -20.38
CA MET C 207 -23.04 -3.88 -19.04
CA MET C 207 -23.04 -3.89 -19.04
C MET C 207 -21.84 -4.67 -18.52
N PHE C 208 -21.46 -4.44 -17.28
CA PHE C 208 -20.25 -5.07 -16.70
C PHE C 208 -20.55 -5.61 -15.32
N MET C 209 -19.73 -6.55 -14.90
CA MET C 209 -19.53 -6.88 -13.48
C MET C 209 -18.04 -6.74 -13.15
N LEU C 210 -17.75 -6.55 -11.86
CA LEU C 210 -16.38 -6.49 -11.33
C LEU C 210 -16.16 -7.75 -10.49
N ALA C 211 -15.00 -8.38 -10.64
CA ALA C 211 -14.59 -9.58 -9.90
C ALA C 211 -13.50 -9.16 -8.90
N PHE C 212 -13.68 -9.57 -7.64
CA PHE C 212 -12.70 -9.33 -6.55
C PHE C 212 -12.20 -10.68 -6.06
N VAL C 213 -10.96 -10.73 -5.60
CA VAL C 213 -10.38 -11.93 -4.93
C VAL C 213 -9.86 -11.50 -3.56
N SER C 214 -10.03 -12.38 -2.58
CA SER C 214 -9.43 -12.25 -1.23
C SER C 214 -9.20 -13.64 -0.65
N ALA C 215 -8.31 -13.72 0.34
CA ALA C 215 -8.02 -14.95 1.11
C ALA C 215 -9.08 -15.09 2.21
N CYS C 216 -9.42 -16.33 2.56
CA CYS C 216 -10.29 -16.69 3.71
C CYS C 216 -9.45 -16.78 4.98
N PRO C 217 -10.08 -16.82 6.18
CA PRO C 217 -9.34 -16.99 7.43
C PRO C 217 -8.58 -18.31 7.60
N ASP C 218 -8.83 -19.30 6.74
CA ASP C 218 -8.08 -20.59 6.74
C ASP C 218 -6.77 -20.46 5.96
N PHE C 219 -6.49 -19.29 5.39
CA PHE C 219 -5.39 -19.07 4.42
C PHE C 219 -4.10 -18.70 5.15
N SER C 220 -2.98 -19.28 4.73
CA SER C 220 -1.64 -18.90 5.24
C SER C 220 -0.60 -19.11 4.14
N VAL C 221 0.56 -18.48 4.33
CA VAL C 221 1.69 -18.52 3.36
C VAL C 221 2.95 -18.87 4.13
N ARG C 222 3.96 -19.38 3.43
CA ARG C 222 5.29 -19.55 4.04
C ARG C 222 6.40 -19.54 3.00
N LEU C 223 7.61 -19.44 3.55
CA LEU C 223 8.92 -19.47 2.87
C LEU C 223 9.07 -18.17 2.08
N LEU C 224 9.47 -17.13 2.82
CA LEU C 224 9.71 -15.77 2.30
C LEU C 224 10.69 -15.87 1.13
N ARG C 225 10.43 -15.11 0.07
CA ARG C 225 11.30 -15.06 -1.12
C ARG C 225 11.18 -13.69 -1.77
N ASP C 226 12.15 -13.37 -2.62
CA ASP C 226 12.09 -12.15 -3.46
C ASP C 226 11.03 -12.36 -4.54
N THR C 227 10.35 -11.27 -4.87
CA THR C 227 9.32 -11.22 -5.93
C THR C 227 10.02 -11.04 -7.28
N ASN C 228 9.40 -11.55 -8.33
CA ASN C 228 9.80 -11.26 -9.72
C ASN C 228 9.10 -9.98 -10.25
N HIS C 229 8.40 -9.17 -9.42
CA HIS C 229 7.61 -8.01 -9.92
CA HIS C 229 7.58 -8.01 -9.86
C HIS C 229 8.35 -6.68 -9.72
N ILE C 230 9.57 -6.68 -9.19
CA ILE C 230 10.39 -5.42 -9.09
C ILE C 230 11.85 -5.74 -9.44
N SER C 231 12.49 -4.85 -10.18
CA SER C 231 13.91 -5.01 -10.60
C SER C 231 14.53 -3.65 -10.85
N GLN C 232 15.84 -3.60 -11.08
CA GLN C 232 16.53 -2.35 -11.49
C GLN C 232 17.74 -2.69 -12.37
N ARG C 233 18.13 -1.76 -13.26
CA ARG C 233 19.32 -1.85 -14.14
C ARG C 233 20.58 -1.67 -13.28
N THR C 234 21.70 -2.31 -13.65
CA THR C 234 22.99 -2.32 -12.91
C THR C 234 24.15 -1.96 -13.85
N GLY D 2 19.55 -12.86 34.34
CA GLY D 2 18.24 -12.39 33.78
C GLY D 2 17.88 -13.09 32.47
N ALA D 3 17.99 -14.42 32.46
CA ALA D 3 17.76 -15.28 31.27
C ALA D 3 16.26 -15.40 31.03
N GLN D 4 15.82 -15.25 29.78
CA GLN D 4 14.44 -15.53 29.34
C GLN D 4 14.44 -16.91 28.68
N VAL D 5 13.55 -17.80 29.11
CA VAL D 5 13.36 -19.16 28.51
C VAL D 5 12.00 -19.13 27.80
N SER D 6 11.96 -19.42 26.49
CA SER D 6 10.75 -19.36 25.64
C SER D 6 10.67 -20.61 24.76
N SER D 7 9.48 -20.88 24.23
CA SER D 7 9.20 -21.98 23.28
C SER D 7 9.88 -21.68 21.94
N GLN D 8 10.56 -22.67 21.38
CA GLN D 8 11.07 -22.61 20.00
C GLN D 8 9.92 -22.81 19.00
N LYS D 9 10.09 -22.32 17.79
CA LYS D 9 9.26 -22.72 16.62
C LYS D 9 9.56 -24.20 16.33
N VAL D 10 8.54 -25.05 16.27
CA VAL D 10 8.74 -26.52 16.07
C VAL D 10 9.37 -26.81 14.68
N GLY D 11 10.18 -27.87 14.59
CA GLY D 11 10.81 -28.34 13.35
C GLY D 11 10.23 -29.68 12.93
N ALA D 12 11.01 -30.47 12.19
CA ALA D 12 10.66 -31.80 11.61
C ALA D 12 10.04 -32.73 12.66
N HIS D 13 10.53 -32.73 13.91
CA HIS D 13 10.10 -33.68 14.97
C HIS D 13 8.99 -33.05 15.82
N VAL D 25 12.41 -28.37 23.74
CA VAL D 25 12.18 -27.36 22.66
C VAL D 25 11.89 -25.98 23.27
N ASN D 26 12.64 -25.61 24.31
CA ASN D 26 12.80 -24.21 24.76
C ASN D 26 14.18 -23.70 24.30
N TYR D 27 14.35 -22.39 24.31
CA TYR D 27 15.65 -21.73 24.07
C TYR D 27 15.79 -20.59 25.07
N THR D 28 17.03 -20.20 25.30
CA THR D 28 17.45 -19.20 26.31
C THR D 28 17.97 -17.95 25.61
N THR D 29 17.54 -16.78 26.08
CA THR D 29 18.00 -15.45 25.63
C THR D 29 18.47 -14.68 26.85
N ILE D 30 19.68 -14.10 26.77
CA ILE D 30 20.17 -13.06 27.69
C ILE D 30 20.48 -11.84 26.82
N ASN D 31 19.98 -10.66 27.20
CA ASN D 31 20.32 -9.39 26.51
C ASN D 31 21.66 -8.90 27.07
N TYR D 32 22.61 -8.61 26.20
CA TYR D 32 24.01 -8.24 26.54
C TYR D 32 24.19 -6.71 26.55
N TYR D 33 23.22 -5.97 26.00
CA TYR D 33 23.39 -4.52 25.70
C TYR D 33 22.36 -3.70 26.47
N LYS D 34 22.72 -2.45 26.76
CA LYS D 34 21.89 -1.55 27.61
C LYS D 34 20.79 -0.88 26.78
N ASP D 35 20.83 -0.99 25.44
CA ASP D 35 19.83 -0.38 24.52
C ASP D 35 18.95 -1.49 23.93
N SER D 36 17.62 -1.37 24.04
CA SER D 36 16.67 -2.36 23.46
CA SER D 36 16.67 -2.36 23.46
C SER D 36 16.85 -2.44 21.92
N ALA D 37 17.33 -1.36 21.29
CA ALA D 37 17.60 -1.37 19.83
C ALA D 37 18.59 -2.48 19.47
N SER D 38 19.49 -2.86 20.39
CA SER D 38 20.50 -3.93 20.21
C SER D 38 19.85 -5.31 20.19
N ASN D 39 18.64 -5.46 20.70
CA ASN D 39 17.99 -6.79 20.90
C ASN D 39 17.75 -7.47 19.56
N ALA D 40 17.68 -8.79 19.61
CA ALA D 40 17.26 -9.66 18.48
C ALA D 40 15.79 -9.37 18.16
N ALA D 41 15.25 -10.04 17.14
CA ALA D 41 13.88 -9.84 16.62
C ALA D 41 12.87 -9.91 17.76
N SER D 42 11.81 -9.11 17.67
CA SER D 42 10.61 -9.22 18.53
C SER D 42 10.07 -10.64 18.47
N LYS D 43 9.52 -11.13 19.58
CA LYS D 43 8.81 -12.43 19.67
C LYS D 43 7.64 -12.43 18.70
N LEU D 44 7.31 -13.58 18.12
CA LEU D 44 6.15 -13.75 17.21
C LEU D 44 4.91 -13.10 17.83
N ASP D 45 4.32 -12.15 17.12
CA ASP D 45 3.06 -11.47 17.50
C ASP D 45 1.98 -11.92 16.52
N PHE D 46 1.06 -12.77 16.99
CA PHE D 46 -0.04 -13.35 16.18
C PHE D 46 -1.28 -12.44 16.21
N SER D 47 -1.19 -11.25 16.81
CA SER D 47 -2.28 -10.23 16.78
C SER D 47 -2.77 -10.05 15.35
N GLN D 48 -4.07 -9.90 15.17
CA GLN D 48 -4.62 -9.44 13.87
C GLN D 48 -6.05 -8.97 14.07
N ASP D 49 -6.49 -8.06 13.22
CA ASP D 49 -7.89 -7.57 13.18
C ASP D 49 -8.20 -7.21 11.74
N PRO D 50 -8.41 -8.20 10.84
CA PRO D 50 -8.58 -7.90 9.43
C PRO D 50 -9.77 -6.94 9.20
N SER D 51 -10.77 -6.98 10.09
CA SER D 51 -12.06 -6.23 9.95
CA SER D 51 -12.05 -6.23 9.98
C SER D 51 -11.81 -4.72 9.82
N LYS D 52 -10.71 -4.19 10.36
CA LYS D 52 -10.44 -2.74 10.25
C LYS D 52 -10.18 -2.37 8.77
N PHE D 53 -9.81 -3.36 7.93
CA PHE D 53 -9.60 -3.18 6.47
C PHE D 53 -10.70 -3.88 5.66
N THR D 54 -11.18 -5.04 6.09
CA THR D 54 -12.09 -5.89 5.29
C THR D 54 -13.56 -5.53 5.58
N GLU D 55 -13.85 -4.86 6.69
CA GLU D 55 -15.24 -4.58 7.10
C GLU D 55 -15.29 -3.32 7.97
N PRO D 56 -14.74 -2.17 7.52
CA PRO D 56 -14.70 -0.97 8.36
C PRO D 56 -16.01 -0.18 8.30
N VAL D 57 -17.11 -0.84 8.59
CA VAL D 57 -18.48 -0.29 8.40
C VAL D 57 -19.00 0.20 9.75
N LYS D 58 -19.82 1.24 9.72
CA LYS D 58 -20.37 1.85 10.96
C LYS D 58 -21.38 0.89 11.60
N ASP D 59 -22.27 0.31 10.79
CA ASP D 59 -23.39 -0.55 11.28
C ASP D 59 -23.01 -2.01 11.03
N ILE D 60 -23.11 -2.85 12.07
CA ILE D 60 -22.70 -4.28 12.02
C ILE D 60 -23.44 -4.95 10.86
N MET D 61 -22.72 -5.75 10.07
CA MET D 61 -23.28 -6.56 8.96
C MET D 61 -23.20 -8.02 9.38
N ILE D 62 -24.34 -8.65 9.59
CA ILE D 62 -24.44 -10.10 9.92
C ILE D 62 -24.47 -10.83 8.57
N LYS D 63 -23.51 -11.72 8.36
CA LYS D 63 -23.26 -12.47 7.10
C LYS D 63 -24.57 -13.09 6.57
N THR D 64 -25.36 -13.68 7.45
CA THR D 64 -26.60 -14.44 7.10
C THR D 64 -27.75 -13.49 6.75
N ALA D 65 -27.67 -12.22 7.17
CA ALA D 65 -28.71 -11.19 6.93
C ALA D 65 -28.42 -10.50 5.60
N PRO D 66 -29.41 -9.84 4.98
CA PRO D 66 -29.14 -9.01 3.80
C PRO D 66 -28.18 -7.87 4.17
N ALA D 67 -27.18 -7.63 3.32
CA ALA D 67 -26.21 -6.52 3.45
C ALA D 67 -26.98 -5.19 3.45
N LEU D 68 -28.01 -5.09 2.61
CA LEU D 68 -28.86 -3.87 2.48
C LEU D 68 -30.31 -4.27 2.76
N ASN D 69 -30.83 -3.80 3.89
CA ASN D 69 -32.25 -3.96 4.30
C ASN D 69 -32.84 -2.56 4.41
CA CA E . -7.26 -23.63 13.97
CA CA F . -22.65 -25.69 4.62
CA CA G . -25.57 -11.48 3.37
CL CL H . 49.24 3.94 6.99
CL CL I . 42.34 10.48 12.05
CL CL J . -2.84 -15.88 -22.59
O2 0H0 K . 46.71 -5.87 -17.53
C12 0H0 K . 47.88 -5.26 -18.12
C13 0H0 K . 48.26 -6.02 -19.47
C14 0H0 K . 49.78 -6.36 -19.54
C1 0H0 K . 47.28 -5.38 -15.23
C2 0H0 K . 46.18 -5.30 -16.29
C3 0H0 K . 44.92 -6.05 -15.86
C4 0H0 K . 44.11 -5.30 -14.85
C5 0H0 K . 43.75 -3.94 -15.37
C6 0H0 K . 45.05 -3.18 -15.51
C7 0H0 K . 44.94 -1.71 -15.89
C8 0H0 K . 46.34 -1.15 -16.25
C9 0H0 K . 46.45 0.35 -15.92
C10 0H0 K . 41.43 -2.99 -14.58
C11 0H0 K . 40.66 -2.31 -13.41
N5 0H0 K . 42.84 -3.27 -14.35
O1A 0H0 K . 47.76 -4.32 -14.70
O1B 0H0 K . 47.76 -6.52 -14.91
O4 0H0 K . 42.90 -6.01 -14.45
O6 0H0 K . 45.88 -3.86 -16.55
O7 0H0 K . 44.07 -1.58 -16.98
O8 0H0 K . 47.38 -1.80 -15.55
O9 0H0 K . 45.55 1.02 -16.74
O10 0H0 K . 40.90 -3.27 -15.61
CL CL L . -10.63 26.42 -3.00
CL CL M . 1.75 34.66 -5.71
CL CL N . -21.67 23.61 -8.72
CL CL O . 35.06 -16.81 21.59
#